data_3I38
#
_entry.id   3I38
#
_cell.length_a   61.805
_cell.length_b   61.626
_cell.length_c   92.907
_cell.angle_alpha   81.75
_cell.angle_beta   78.71
_cell.angle_gamma   83.79
#
_symmetry.space_group_name_H-M   'P 1'
#
loop_
_entity.id
_entity.type
_entity.pdbx_description
1 polymer 'Putative chaperone DnaJ'
2 water water
#
_entity_poly.entity_id   1
_entity_poly.type   'polypeptide(L)'
_entity_poly.pdbx_seq_one_letter_code
;SNAHPLFDIVGHNLEIVLPLAPWEAALGAKVTVPTLKESILLTVPPGSQAGQRLRIKGKGLVSKTHTGDLFAVIKIV
(MSE)PTKPDEKARELWQQLAAAEASFDPRKTWGKA
;
_entity_poly.pdbx_strand_id   A,B,C,D,E,F,G,H,I,J,K,L
#
# COMPACT_ATOMS: atom_id res chain seq x y z
N HIS A 4 -24.07 -26.46 -26.33
CA HIS A 4 -24.52 -26.06 -24.96
C HIS A 4 -25.75 -25.15 -25.04
N PRO A 5 -26.60 -25.20 -24.00
CA PRO A 5 -27.81 -24.35 -24.01
C PRO A 5 -27.43 -22.89 -24.15
N LEU A 6 -28.16 -22.14 -24.95
CA LEU A 6 -27.83 -20.74 -25.16
C LEU A 6 -28.40 -19.72 -24.20
N PHE A 7 -29.52 -19.99 -23.54
CA PHE A 7 -30.11 -18.93 -22.74
C PHE A 7 -30.14 -19.18 -21.27
N ASP A 8 -29.70 -18.19 -20.51
CA ASP A 8 -29.73 -18.27 -19.06
C ASP A 8 -31.09 -17.67 -18.68
N ILE A 9 -31.79 -18.27 -17.72
CA ILE A 9 -33.10 -17.77 -17.28
C ILE A 9 -32.94 -16.91 -16.05
N VAL A 10 -33.57 -15.74 -16.01
CA VAL A 10 -33.53 -14.86 -14.84
C VAL A 10 -34.94 -14.26 -14.71
N GLY A 11 -35.77 -14.85 -13.85
CA GLY A 11 -37.15 -14.41 -13.70
C GLY A 11 -37.82 -14.69 -15.04
N HIS A 12 -38.48 -13.69 -15.61
CA HIS A 12 -39.13 -13.82 -16.91
C HIS A 12 -38.19 -13.47 -18.08
N ASN A 13 -36.99 -12.99 -17.79
CA ASN A 13 -36.02 -12.62 -18.82
C ASN A 13 -35.03 -13.71 -19.12
N LEU A 14 -34.46 -13.62 -20.33
CA LEU A 14 -33.45 -14.53 -20.80
C LEU A 14 -32.23 -13.68 -21.03
N GLU A 15 -31.09 -14.36 -21.02
CA GLU A 15 -29.83 -13.70 -21.13
C GLU A 15 -28.94 -14.58 -21.99
N ILE A 16 -28.25 -13.98 -22.94
CA ILE A 16 -27.35 -14.76 -23.79
C ILE A 16 -26.02 -14.03 -23.95
N VAL A 17 -24.92 -14.79 -23.99
CA VAL A 17 -23.60 -14.23 -24.22
C VAL A 17 -23.51 -13.84 -25.69
N LEU A 18 -23.22 -12.57 -25.94
CA LEU A 18 -22.98 -12.04 -27.28
C LEU A 18 -21.44 -11.93 -27.54
N PRO A 19 -20.85 -12.92 -28.21
CA PRO A 19 -19.39 -12.83 -28.50
C PRO A 19 -19.12 -11.86 -29.64
N LEU A 20 -18.23 -10.90 -29.40
CA LEU A 20 -17.86 -9.92 -30.40
C LEU A 20 -16.37 -9.92 -30.59
N ALA A 21 -15.91 -9.81 -31.84
CA ALA A 21 -14.48 -9.67 -32.08
C ALA A 21 -14.19 -8.24 -31.68
N PRO A 22 -12.96 -7.92 -31.26
CA PRO A 22 -12.75 -6.55 -30.83
C PRO A 22 -13.09 -5.45 -31.87
N TRP A 23 -12.82 -5.69 -33.16
CA TRP A 23 -13.16 -4.70 -34.18
C TRP A 23 -14.68 -4.48 -34.26
N GLU A 24 -15.47 -5.48 -33.94
CA GLU A 24 -16.91 -5.31 -33.95
C GLU A 24 -17.36 -4.37 -32.83
N ALA A 25 -16.82 -4.53 -31.63
CA ALA A 25 -17.15 -3.66 -30.51
C ALA A 25 -16.66 -2.22 -30.81
N ALA A 26 -15.45 -2.07 -31.32
CA ALA A 26 -14.94 -0.72 -31.61
C ALA A 26 -15.69 -0.01 -32.78
N LEU A 27 -15.92 -0.75 -33.86
CA LEU A 27 -16.54 -0.19 -35.04
C LEU A 27 -18.07 -0.20 -35.06
N GLY A 28 -18.66 -1.08 -34.28
CA GLY A 28 -20.10 -1.26 -34.27
C GLY A 28 -20.40 -2.33 -35.30
N ALA A 29 -21.56 -2.95 -35.22
CA ALA A 29 -21.92 -3.99 -36.20
C ALA A 29 -23.40 -4.33 -36.07
N LYS A 30 -23.94 -5.03 -37.04
CA LYS A 30 -25.31 -5.50 -36.95
C LYS A 30 -25.17 -7.03 -36.90
N VAL A 31 -25.60 -7.63 -35.80
CA VAL A 31 -25.48 -9.05 -35.55
C VAL A 31 -26.84 -9.80 -35.55
N THR A 32 -26.87 -11.06 -36.00
CA THR A 32 -28.09 -11.85 -35.95
C THR A 32 -28.04 -12.67 -34.65
N VAL A 33 -29.04 -12.45 -33.80
CA VAL A 33 -29.09 -13.12 -32.49
C VAL A 33 -30.23 -14.13 -32.41
N PRO A 34 -29.93 -15.33 -31.94
CA PRO A 34 -30.98 -16.34 -31.78
C PRO A 34 -31.92 -16.01 -30.59
N THR A 35 -33.15 -16.51 -30.69
CA THR A 35 -34.25 -16.36 -29.74
C THR A 35 -34.91 -17.73 -29.57
N LEU A 36 -35.87 -17.87 -28.66
CA LEU A 36 -36.61 -19.13 -28.51
C LEU A 36 -37.53 -19.35 -29.71
N LYS A 37 -37.58 -18.38 -30.63
CA LYS A 37 -38.39 -18.52 -31.84
C LYS A 37 -37.55 -18.04 -33.02
N GLU A 38 -37.89 -16.89 -33.58
CA GLU A 38 -37.14 -16.38 -34.72
C GLU A 38 -35.97 -15.49 -34.34
N SER A 39 -34.85 -15.68 -35.03
CA SER A 39 -33.65 -14.88 -34.82
C SER A 39 -33.94 -13.40 -35.07
N ILE A 40 -33.27 -12.53 -34.33
CA ILE A 40 -33.47 -11.10 -34.55
C ILE A 40 -32.20 -10.43 -35.00
N LEU A 41 -32.37 -9.17 -35.39
CA LEU A 41 -31.29 -8.37 -35.91
C LEU A 41 -31.03 -7.37 -34.81
N LEU A 42 -29.79 -7.35 -34.35
CA LEU A 42 -29.36 -6.47 -33.28
C LEU A 42 -28.24 -5.53 -33.72
N THR A 43 -28.42 -4.24 -33.45
CA THR A 43 -27.41 -3.20 -33.70
C THR A 43 -26.50 -3.04 -32.49
N VAL A 44 -25.19 -3.20 -32.69
CA VAL A 44 -24.18 -3.03 -31.66
C VAL A 44 -23.50 -1.69 -31.89
N PRO A 45 -23.65 -0.75 -30.95
CA PRO A 45 -23.06 0.54 -31.23
C PRO A 45 -21.53 0.56 -31.24
N PRO A 46 -20.95 1.46 -32.04
CA PRO A 46 -19.50 1.61 -32.03
C PRO A 46 -19.08 1.99 -30.62
N GLY A 47 -17.89 1.61 -30.21
CA GLY A 47 -17.41 1.90 -28.88
C GLY A 47 -17.99 0.99 -27.83
N SER A 48 -18.63 -0.11 -28.23
CA SER A 48 -19.25 -1.04 -27.26
C SER A 48 -18.23 -1.63 -26.27
N GLN A 49 -18.70 -1.89 -25.06
CA GLN A 49 -17.88 -2.38 -23.96
C GLN A 49 -18.22 -3.78 -23.49
N ALA A 50 -17.22 -4.44 -22.92
CA ALA A 50 -17.36 -5.76 -22.35
C ALA A 50 -18.39 -5.68 -21.26
N GLY A 51 -19.33 -6.63 -21.26
CA GLY A 51 -20.34 -6.73 -20.26
C GLY A 51 -21.57 -5.89 -20.46
N GLN A 52 -21.62 -5.15 -21.56
CA GLN A 52 -22.76 -4.27 -21.80
C GLN A 52 -23.97 -5.14 -22.10
N ARG A 53 -25.11 -4.75 -21.57
CA ARG A 53 -26.34 -5.47 -21.73
C ARG A 53 -27.21 -4.86 -22.80
N LEU A 54 -27.33 -5.51 -23.94
CA LEU A 54 -28.18 -4.96 -25.01
C LEU A 54 -29.56 -5.62 -24.97
N ARG A 55 -30.59 -4.84 -24.66
CA ARG A 55 -31.98 -5.35 -24.60
C ARG A 55 -32.69 -5.66 -25.95
N ILE A 56 -33.45 -6.74 -25.94
CA ILE A 56 -34.22 -7.18 -27.08
C ILE A 56 -35.61 -7.45 -26.50
N LYS A 57 -36.43 -6.41 -26.41
CA LYS A 57 -37.76 -6.54 -25.82
C LYS A 57 -38.62 -7.68 -26.37
N GLY A 58 -39.46 -8.23 -25.49
CA GLY A 58 -40.37 -9.31 -25.83
C GLY A 58 -39.78 -10.68 -26.16
N LYS A 59 -38.47 -10.83 -26.25
CA LYS A 59 -37.91 -12.16 -26.59
C LYS A 59 -37.54 -13.00 -25.39
N GLY A 60 -38.08 -12.63 -24.23
CA GLY A 60 -37.87 -13.40 -23.01
C GLY A 60 -38.97 -14.45 -22.95
N LEU A 61 -39.20 -15.00 -21.75
CA LEU A 61 -40.22 -16.00 -21.55
C LEU A 61 -41.64 -15.45 -21.68
N VAL A 62 -42.41 -16.03 -22.60
CA VAL A 62 -43.79 -15.64 -22.88
C VAL A 62 -44.76 -16.42 -22.00
N SER A 63 -45.70 -15.71 -21.41
CA SER A 63 -46.76 -16.29 -20.59
C SER A 63 -47.96 -15.44 -20.94
N LYS A 64 -49.15 -16.03 -20.96
CA LYS A 64 -50.37 -15.24 -21.28
C LYS A 64 -50.60 -14.03 -20.36
N THR A 65 -49.72 -13.87 -19.35
CA THR A 65 -49.79 -12.76 -18.40
C THR A 65 -48.67 -11.74 -18.63
N HIS A 66 -47.44 -12.21 -18.88
CA HIS A 66 -46.32 -11.29 -19.06
C HIS A 66 -45.20 -11.86 -19.96
N THR A 67 -44.58 -11.00 -20.77
CA THR A 67 -43.49 -11.41 -21.66
C THR A 67 -42.22 -10.67 -21.28
N GLY A 68 -41.20 -11.44 -20.92
CA GLY A 68 -39.91 -10.87 -20.54
C GLY A 68 -39.13 -10.44 -21.76
N ASP A 69 -37.90 -10.02 -21.52
CA ASP A 69 -36.99 -9.58 -22.57
C ASP A 69 -35.78 -10.49 -22.59
N LEU A 70 -34.99 -10.35 -23.66
CA LEU A 70 -33.75 -11.07 -23.85
C LEU A 70 -32.65 -10.01 -23.83
N PHE A 71 -31.55 -10.32 -23.18
CA PHE A 71 -30.43 -9.42 -23.10
C PHE A 71 -29.22 -10.10 -23.71
N ALA A 72 -28.57 -9.42 -24.65
CA ALA A 72 -27.37 -9.88 -25.34
C ALA A 72 -26.29 -9.25 -24.50
N VAL A 73 -25.52 -10.06 -23.78
CA VAL A 73 -24.44 -9.53 -22.89
C VAL A 73 -23.13 -9.68 -23.64
N ILE A 74 -22.42 -8.55 -23.83
CA ILE A 74 -21.20 -8.55 -24.65
C ILE A 74 -19.97 -9.13 -23.99
N LYS A 75 -19.33 -10.05 -24.70
CA LYS A 75 -18.12 -10.66 -24.28
C LYS A 75 -17.21 -10.51 -25.46
N ILE A 76 -16.06 -9.89 -25.27
CA ILE A 76 -15.12 -9.71 -26.39
C ILE A 76 -14.28 -10.96 -26.52
N VAL A 77 -14.20 -11.51 -27.73
CA VAL A 77 -13.41 -12.72 -28.00
C VAL A 77 -12.29 -12.47 -29.05
N MSE A 78 -11.25 -13.28 -28.98
CA MSE A 78 -10.06 -13.08 -29.76
C MSE A 78 -9.81 -14.17 -30.74
O MSE A 78 -10.10 -15.31 -30.45
CB MSE A 78 -8.85 -13.15 -28.80
CG MSE A 78 -8.79 -12.15 -27.70
SE MSE A 78 -8.67 -10.33 -28.40
CE MSE A 78 -7.02 -10.49 -29.48
N PRO A 79 -9.24 -13.83 -31.89
CA PRO A 79 -8.88 -14.95 -32.78
C PRO A 79 -7.63 -15.63 -32.25
N THR A 80 -7.12 -16.61 -32.97
CA THR A 80 -5.91 -17.29 -32.57
C THR A 80 -4.69 -16.36 -32.72
N LYS A 81 -3.50 -16.86 -32.37
CA LYS A 81 -2.30 -16.04 -32.40
C LYS A 81 -2.14 -15.40 -33.78
N PRO A 82 -1.86 -14.09 -33.85
CA PRO A 82 -1.75 -13.41 -35.16
C PRO A 82 -0.50 -13.68 -36.01
N ASP A 83 -0.69 -13.58 -37.32
CA ASP A 83 0.38 -13.72 -38.31
C ASP A 83 1.14 -12.40 -38.30
N GLU A 84 2.13 -12.25 -39.15
CA GLU A 84 2.95 -11.05 -39.13
C GLU A 84 2.17 -9.72 -39.33
N LYS A 85 1.37 -9.65 -40.38
CA LYS A 85 0.66 -8.41 -40.66
C LYS A 85 -0.31 -8.04 -39.55
N ALA A 86 -1.04 -9.01 -39.04
CA ALA A 86 -1.99 -8.71 -37.98
C ALA A 86 -1.27 -8.19 -36.76
N ARG A 87 -0.10 -8.76 -36.49
CA ARG A 87 0.73 -8.35 -35.36
C ARG A 87 1.15 -6.89 -35.55
N GLU A 88 1.52 -6.51 -36.77
CA GLU A 88 1.92 -5.14 -37.04
C GLU A 88 0.73 -4.20 -36.83
N LEU A 89 -0.48 -4.68 -37.10
CA LEU A 89 -1.65 -3.81 -36.94
C LEU A 89 -2.00 -3.65 -35.47
N TRP A 90 -1.82 -4.74 -34.73
CA TRP A 90 -2.08 -4.71 -33.28
C TRP A 90 -1.14 -3.73 -32.62
N GLN A 91 0.12 -3.71 -33.07
CA GLN A 91 1.12 -2.77 -32.52
C GLN A 91 0.73 -1.32 -32.72
N GLN A 92 0.34 -1.00 -33.95
CA GLN A 92 -0.10 0.35 -34.29
C GLN A 92 -1.34 0.73 -33.49
N LEU A 93 -2.23 -0.23 -33.25
CA LEU A 93 -3.46 0.04 -32.43
C LEU A 93 -3.07 0.33 -31.02
N ALA A 94 -2.10 -0.45 -30.50
CA ALA A 94 -1.62 -0.27 -29.14
C ALA A 94 -1.03 1.11 -28.99
N ALA A 95 -0.29 1.55 -30.02
CA ALA A 95 0.36 2.87 -29.96
C ALA A 95 -0.70 3.98 -30.05
N ALA A 96 -1.68 3.79 -30.92
CA ALA A 96 -2.77 4.76 -31.13
C ALA A 96 -3.66 4.90 -29.88
N GLU A 97 -3.89 3.81 -29.18
CA GLU A 97 -4.70 3.79 -27.95
C GLU A 97 -3.81 3.61 -26.72
N ALA A 98 -2.61 4.18 -26.76
CA ALA A 98 -1.66 4.02 -25.66
C ALA A 98 -2.17 4.54 -24.35
N SER A 99 -3.16 5.40 -24.42
CA SER A 99 -3.75 6.03 -23.24
C SER A 99 -4.67 5.13 -22.43
N PHE A 100 -5.21 4.10 -23.06
CA PHE A 100 -6.10 3.15 -22.40
C PHE A 100 -5.41 2.36 -21.30
N ASP A 101 -5.97 2.41 -20.10
CA ASP A 101 -5.43 1.66 -18.98
C ASP A 101 -6.50 0.69 -18.50
N PRO A 102 -6.51 -0.51 -19.08
CA PRO A 102 -7.54 -1.46 -18.66
C PRO A 102 -7.48 -1.81 -17.18
N ARG A 103 -6.31 -1.69 -16.56
CA ARG A 103 -6.16 -2.04 -15.15
C ARG A 103 -6.10 -0.77 -14.33
N LYS A 104 -7.02 0.16 -14.66
CA LYS A 104 -7.09 1.43 -13.95
C LYS A 104 -7.43 1.11 -12.50
N THR A 105 -8.52 0.40 -12.30
CA THR A 105 -8.93 -0.06 -10.97
C THR A 105 -7.67 -0.34 -10.12
N TRP A 106 -6.93 -1.41 -10.41
CA TRP A 106 -5.72 -1.70 -9.62
C TRP A 106 -4.77 -0.49 -9.62
N HIS B 4 -13.95 -4.14 -5.99
CA HIS B 4 -14.19 -4.21 -4.51
C HIS B 4 -13.38 -5.43 -4.01
N PRO B 5 -14.01 -6.51 -3.46
CA PRO B 5 -13.04 -7.55 -3.14
C PRO B 5 -12.43 -8.09 -4.42
N LEU B 6 -11.12 -8.16 -4.46
CA LEU B 6 -10.42 -8.63 -5.65
C LEU B 6 -10.37 -10.13 -5.85
N PHE B 7 -10.48 -10.95 -4.80
CA PHE B 7 -10.31 -12.40 -5.04
C PHE B 7 -11.47 -13.32 -4.74
N ASP B 8 -11.70 -14.25 -5.67
CA ASP B 8 -12.63 -15.34 -5.47
C ASP B 8 -11.84 -16.46 -4.85
N ILE B 9 -12.37 -17.03 -3.78
CA ILE B 9 -11.71 -18.10 -3.07
C ILE B 9 -12.28 -19.46 -3.51
N VAL B 10 -11.44 -20.34 -4.03
CA VAL B 10 -11.87 -21.65 -4.51
C VAL B 10 -10.91 -22.63 -3.87
N GLY B 11 -11.33 -23.18 -2.74
CA GLY B 11 -10.50 -24.09 -1.97
C GLY B 11 -9.30 -23.34 -1.42
N HIS B 12 -8.11 -23.84 -1.72
CA HIS B 12 -6.90 -23.17 -1.28
C HIS B 12 -6.46 -22.17 -2.36
N ASN B 13 -7.20 -22.12 -3.48
CA ASN B 13 -6.85 -21.21 -4.57
C ASN B 13 -7.59 -19.87 -4.58
N LEU B 14 -6.97 -18.93 -5.28
CA LEU B 14 -7.50 -17.60 -5.46
C LEU B 14 -7.65 -17.34 -6.96
N GLU B 15 -8.70 -16.61 -7.33
CA GLU B 15 -8.93 -16.25 -8.74
C GLU B 15 -9.19 -14.77 -8.81
N ILE B 16 -8.64 -14.12 -9.81
CA ILE B 16 -8.84 -12.69 -9.98
C ILE B 16 -9.12 -12.45 -11.45
N VAL B 17 -10.07 -11.57 -11.76
CA VAL B 17 -10.36 -11.24 -13.17
C VAL B 17 -9.21 -10.36 -13.63
N LEU B 18 -8.60 -10.70 -14.76
CA LEU B 18 -7.49 -9.91 -15.31
C LEU B 18 -7.94 -9.23 -16.59
N PRO B 19 -8.19 -7.90 -16.53
CA PRO B 19 -8.62 -7.21 -17.70
C PRO B 19 -7.45 -6.90 -18.61
N LEU B 20 -7.57 -7.27 -19.85
CA LEU B 20 -6.54 -6.97 -20.82
C LEU B 20 -7.11 -6.24 -22.05
N ALA B 21 -6.35 -5.31 -22.59
CA ALA B 21 -6.72 -4.63 -23.81
C ALA B 21 -6.54 -5.71 -24.83
N PRO B 22 -7.30 -5.69 -25.92
CA PRO B 22 -7.17 -6.78 -26.87
C PRO B 22 -5.77 -6.96 -27.50
N TRP B 23 -5.03 -5.88 -27.67
CA TRP B 23 -3.70 -5.98 -28.20
C TRP B 23 -2.75 -6.66 -27.17
N GLU B 24 -3.08 -6.55 -25.90
CA GLU B 24 -2.30 -7.17 -24.87
C GLU B 24 -2.43 -8.66 -24.98
N ALA B 25 -3.64 -9.15 -25.27
CA ALA B 25 -3.88 -10.60 -25.44
C ALA B 25 -3.23 -11.11 -26.73
N ALA B 26 -3.43 -10.41 -27.83
CA ALA B 26 -2.85 -10.77 -29.12
C ALA B 26 -1.29 -10.82 -29.16
N LEU B 27 -0.66 -9.78 -28.63
CA LEU B 27 0.79 -9.64 -28.66
C LEU B 27 1.57 -10.28 -27.52
N GLY B 28 0.93 -10.41 -26.37
CA GLY B 28 1.55 -10.86 -25.17
C GLY B 28 1.90 -9.57 -24.43
N ALA B 29 2.06 -9.64 -23.13
CA ALA B 29 2.42 -8.45 -22.32
C ALA B 29 2.85 -8.94 -20.97
N LYS B 30 3.59 -8.08 -20.26
CA LYS B 30 4.00 -8.36 -18.89
C LYS B 30 3.16 -7.43 -18.01
N VAL B 31 2.31 -8.00 -17.17
CA VAL B 31 1.37 -7.24 -16.36
C VAL B 31 1.52 -7.45 -14.88
N THR B 32 1.32 -6.37 -14.13
CA THR B 32 1.46 -6.37 -12.68
C THR B 32 0.14 -6.80 -12.15
N VAL B 33 0.17 -7.79 -11.27
CA VAL B 33 -1.05 -8.35 -10.71
C VAL B 33 -0.97 -8.40 -9.23
N PRO B 34 -2.02 -7.91 -8.55
CA PRO B 34 -2.04 -7.90 -7.07
C PRO B 34 -2.27 -9.29 -6.47
N THR B 35 -1.79 -9.51 -5.23
CA THR B 35 -1.94 -10.78 -4.54
C THR B 35 -2.36 -10.42 -3.13
N LEU B 36 -2.35 -11.37 -2.21
CA LEU B 36 -2.75 -11.08 -0.82
C LEU B 36 -1.76 -10.18 -0.11
N LYS B 37 -0.50 -10.24 -0.57
CA LYS B 37 0.57 -9.44 -0.03
C LYS B 37 1.06 -8.54 -1.17
N GLU B 38 2.28 -8.76 -1.66
CA GLU B 38 2.79 -7.91 -2.72
C GLU B 38 2.44 -8.33 -4.15
N SER B 39 2.47 -7.34 -5.02
CA SER B 39 2.20 -7.53 -6.46
C SER B 39 3.29 -8.34 -7.13
N ILE B 40 2.93 -8.91 -8.28
CA ILE B 40 3.83 -9.73 -9.06
C ILE B 40 3.63 -9.50 -10.55
N LEU B 41 4.76 -9.65 -11.26
CA LEU B 41 4.77 -9.47 -12.69
C LEU B 41 4.34 -10.82 -13.36
N LEU B 42 3.29 -10.79 -14.17
CA LEU B 42 2.78 -11.97 -14.86
C LEU B 42 3.00 -11.80 -16.36
N THR B 43 3.51 -12.83 -17.04
CA THR B 43 3.74 -12.79 -18.45
C THR B 43 2.51 -13.37 -19.11
N VAL B 44 1.85 -12.57 -19.94
CA VAL B 44 0.70 -13.02 -20.66
C VAL B 44 1.22 -13.53 -22.00
N PRO B 45 0.92 -14.79 -22.38
CA PRO B 45 1.49 -15.23 -23.65
C PRO B 45 0.75 -14.63 -24.87
N PRO B 46 1.45 -14.54 -25.99
CA PRO B 46 0.80 -14.00 -27.17
C PRO B 46 -0.31 -14.92 -27.62
N GLY B 47 -1.37 -14.39 -28.21
CA GLY B 47 -2.45 -15.25 -28.69
C GLY B 47 -3.42 -15.69 -27.60
N SER B 48 -3.33 -15.09 -26.42
CA SER B 48 -4.19 -15.47 -25.30
C SER B 48 -5.67 -15.21 -25.63
N GLN B 49 -6.52 -16.05 -25.06
CA GLN B 49 -7.97 -16.02 -25.28
C GLN B 49 -8.77 -15.53 -24.08
N ALA B 50 -9.96 -15.06 -24.35
CA ALA B 50 -10.89 -14.61 -23.31
C ALA B 50 -11.13 -15.80 -22.43
N GLY B 51 -11.06 -15.61 -21.13
CA GLY B 51 -11.31 -16.71 -20.21
C GLY B 51 -10.14 -17.64 -19.92
N GLN B 52 -8.94 -17.39 -20.47
CA GLN B 52 -7.83 -18.29 -20.22
CA GLN B 52 -7.81 -18.28 -20.18
C GLN B 52 -7.36 -18.04 -18.76
N ARG B 53 -7.01 -19.11 -18.08
CA ARG B 53 -6.54 -19.08 -16.70
C ARG B 53 -5.02 -19.09 -16.63
N LEU B 54 -4.40 -17.98 -16.23
CA LEU B 54 -2.97 -17.94 -16.13
C LEU B 54 -2.65 -18.29 -14.68
N ARG B 55 -1.90 -19.35 -14.50
CA ARG B 55 -1.60 -19.80 -13.16
C ARG B 55 -0.40 -19.09 -12.57
N ILE B 56 -0.57 -18.49 -11.40
CA ILE B 56 0.52 -17.84 -10.72
C ILE B 56 0.73 -18.74 -9.52
N LYS B 57 1.43 -19.83 -9.76
CA LYS B 57 1.66 -20.82 -8.70
C LYS B 57 2.28 -20.29 -7.41
N GLY B 58 1.74 -20.74 -6.28
CA GLY B 58 2.19 -20.34 -4.94
C GLY B 58 1.62 -19.06 -4.33
N LYS B 59 0.79 -18.33 -5.06
CA LYS B 59 0.25 -17.07 -4.56
C LYS B 59 -1.21 -17.17 -4.10
N GLY B 60 -1.66 -18.39 -3.84
CA GLY B 60 -3.01 -18.60 -3.34
C GLY B 60 -2.97 -18.48 -1.83
N LEU B 61 -3.86 -19.21 -1.15
CA LEU B 61 -3.92 -19.19 0.31
C LEU B 61 -2.82 -20.05 0.94
N VAL B 62 -2.08 -19.44 1.86
CA VAL B 62 -1.00 -20.12 2.56
C VAL B 62 -1.60 -20.73 3.81
N SER B 63 -2.40 -21.79 3.60
CA SER B 63 -3.03 -22.53 4.68
C SER B 63 -2.01 -22.98 5.71
N HIS B 66 -0.28 -26.10 3.70
CA HIS B 66 -0.38 -26.08 2.25
C HIS B 66 -0.49 -24.64 1.67
N THR B 67 0.03 -24.46 0.45
CA THR B 67 0.01 -23.15 -0.20
C THR B 67 -0.56 -23.22 -1.62
N GLY B 68 -1.72 -22.61 -1.81
CA GLY B 68 -2.42 -22.64 -3.08
C GLY B 68 -1.85 -21.71 -4.15
N ASP B 69 -2.52 -21.68 -5.30
CA ASP B 69 -2.13 -20.87 -6.41
C ASP B 69 -3.13 -19.75 -6.64
N LEU B 70 -2.73 -18.81 -7.48
CA LEU B 70 -3.54 -17.68 -7.90
C LEU B 70 -3.73 -17.83 -9.40
N PHE B 71 -4.97 -17.66 -9.86
CA PHE B 71 -5.27 -17.74 -11.28
C PHE B 71 -5.81 -16.40 -11.71
N ALA B 72 -5.26 -15.86 -12.81
CA ALA B 72 -5.64 -14.60 -13.38
C ALA B 72 -6.45 -15.02 -14.59
N VAL B 73 -7.75 -14.73 -14.56
CA VAL B 73 -8.67 -15.17 -15.63
C VAL B 73 -8.86 -13.99 -16.57
N ILE B 74 -8.44 -14.16 -17.82
CA ILE B 74 -8.49 -13.09 -18.77
C ILE B 74 -9.90 -12.66 -19.17
N LYS B 75 -10.13 -11.36 -19.16
CA LYS B 75 -11.33 -10.75 -19.63
C LYS B 75 -10.84 -9.65 -20.54
N ILE B 76 -11.33 -9.63 -21.79
CA ILE B 76 -10.88 -8.61 -22.72
C ILE B 76 -11.77 -7.39 -22.54
N VAL B 77 -11.11 -6.23 -22.35
CA VAL B 77 -11.78 -4.94 -22.17
C VAL B 77 -11.38 -3.98 -23.34
N MSE B 78 -12.32 -3.08 -23.65
CA MSE B 78 -12.21 -2.15 -24.76
C MSE B 78 -12.07 -0.70 -24.32
O MSE B 78 -12.63 -0.30 -23.33
CB MSE B 78 -13.48 -2.27 -25.63
CG MSE B 78 -13.72 -3.65 -26.20
SE MSE B 78 -12.34 -4.07 -27.53
CE MSE B 78 -12.80 -2.66 -28.82
N PRO B 79 -11.28 0.08 -25.06
CA PRO B 79 -11.28 1.49 -24.77
C PRO B 79 -12.60 2.06 -25.32
N THR B 80 -12.82 3.35 -25.14
CA THR B 80 -13.98 4.03 -25.65
C THR B 80 -13.99 4.14 -27.19
N LYS B 81 -15.03 4.78 -27.74
CA LYS B 81 -15.21 4.93 -29.17
C LYS B 81 -13.92 5.43 -29.86
N PRO B 82 -13.42 4.68 -30.84
CA PRO B 82 -12.18 5.15 -31.45
C PRO B 82 -12.33 6.41 -32.32
N ASP B 83 -11.23 7.19 -32.41
CA ASP B 83 -11.16 8.36 -33.27
C ASP B 83 -10.87 7.81 -34.65
N GLU B 84 -10.84 8.68 -35.65
CA GLU B 84 -10.63 8.20 -37.02
C GLU B 84 -9.39 7.36 -37.28
N LYS B 85 -8.25 7.74 -36.70
CA LYS B 85 -7.02 6.98 -36.92
C LYS B 85 -7.17 5.56 -36.44
N ALA B 86 -7.77 5.41 -35.27
CA ALA B 86 -8.00 4.12 -34.71
C ALA B 86 -8.99 3.34 -35.61
N ARG B 87 -10.09 3.96 -36.08
CA ARG B 87 -11.04 3.24 -36.95
CA ARG B 87 -11.04 3.25 -36.97
C ARG B 87 -10.35 2.64 -38.17
N GLU B 88 -9.54 3.44 -38.84
CA GLU B 88 -8.85 2.95 -40.02
C GLU B 88 -8.05 1.71 -39.70
N LEU B 89 -7.34 1.73 -38.58
CA LEU B 89 -6.59 0.56 -38.16
C LEU B 89 -7.54 -0.60 -37.83
N TRP B 90 -8.61 -0.33 -37.10
CA TRP B 90 -9.57 -1.42 -36.79
C TRP B 90 -10.12 -2.05 -38.09
N GLN B 91 -10.38 -1.23 -39.08
CA GLN B 91 -10.88 -1.73 -40.37
C GLN B 91 -9.83 -2.61 -41.03
N GLN B 92 -8.56 -2.22 -41.00
CA GLN B 92 -7.55 -3.07 -41.60
C GLN B 92 -7.48 -4.42 -40.89
N LEU B 93 -7.61 -4.38 -39.56
CA LEU B 93 -7.49 -5.56 -38.75
C LEU B 93 -8.70 -6.44 -39.00
N ALA B 94 -9.86 -5.80 -39.15
CA ALA B 94 -11.04 -6.56 -39.44
C ALA B 94 -10.76 -7.28 -40.76
N ALA B 95 -10.22 -6.58 -41.76
CA ALA B 95 -9.93 -7.20 -43.04
C ALA B 95 -8.85 -8.30 -42.92
N ALA B 96 -7.82 -8.03 -42.16
CA ALA B 96 -6.74 -8.99 -41.94
C ALA B 96 -7.23 -10.28 -41.32
N GLU B 97 -8.13 -10.15 -40.34
CA GLU B 97 -8.65 -11.31 -39.65
C GLU B 97 -10.05 -11.71 -40.10
N ALA B 98 -10.40 -11.46 -41.35
CA ALA B 98 -11.75 -11.78 -41.90
C ALA B 98 -12.25 -13.22 -41.77
N SER B 99 -11.34 -14.18 -41.64
CA SER B 99 -11.74 -15.58 -41.48
C SER B 99 -12.28 -15.84 -40.06
N PHE B 100 -11.87 -15.03 -39.10
CA PHE B 100 -12.34 -15.25 -37.73
C PHE B 100 -13.84 -15.15 -37.53
N ASP B 101 -14.46 -16.23 -37.07
CA ASP B 101 -15.89 -16.24 -36.77
C ASP B 101 -16.13 -16.30 -35.24
N PRO B 102 -16.36 -15.14 -34.61
CA PRO B 102 -16.56 -15.14 -33.15
C PRO B 102 -17.84 -15.80 -32.69
N ARG B 103 -18.79 -16.00 -33.61
CA ARG B 103 -20.06 -16.64 -33.27
C ARG B 103 -20.22 -17.98 -33.96
N LYS B 104 -19.12 -18.74 -34.00
CA LYS B 104 -19.07 -20.06 -34.59
C LYS B 104 -20.06 -21.04 -33.89
N THR B 105 -20.34 -20.80 -32.62
CA THR B 105 -21.30 -21.64 -31.87
C THR B 105 -22.69 -21.60 -32.52
N TRP B 106 -23.25 -20.40 -32.56
CA TRP B 106 -24.57 -20.18 -33.11
C TRP B 106 -24.73 -20.81 -34.51
N PRO C 5 26.66 -13.58 -22.58
CA PRO C 5 26.39 -14.19 -23.89
C PRO C 5 27.58 -15.00 -24.40
N LEU C 6 27.39 -16.31 -24.61
CA LEU C 6 28.48 -17.14 -25.06
C LEU C 6 28.23 -17.63 -26.48
N PHE C 7 29.22 -17.42 -27.34
CA PHE C 7 29.13 -17.75 -28.74
C PHE C 7 30.07 -18.84 -29.21
N ASP C 8 29.61 -19.54 -30.23
CA ASP C 8 30.45 -20.51 -30.86
C ASP C 8 30.93 -19.79 -32.12
N ILE C 9 32.15 -20.07 -32.55
CA ILE C 9 32.71 -19.43 -33.73
C ILE C 9 32.94 -20.47 -34.82
N VAL C 10 32.29 -20.28 -35.96
CA VAL C 10 32.45 -21.17 -37.10
C VAL C 10 32.80 -20.21 -38.23
N GLY C 11 34.05 -20.23 -38.64
CA GLY C 11 34.50 -19.30 -39.67
C GLY C 11 34.33 -17.88 -39.12
N HIS C 12 33.69 -17.03 -39.91
CA HIS C 12 33.44 -15.66 -39.49
C HIS C 12 32.03 -15.57 -38.93
N ASN C 13 31.37 -16.71 -38.88
CA ASN C 13 30.04 -16.80 -38.34
C ASN C 13 30.10 -16.94 -36.86
N LEU C 14 28.94 -16.72 -36.25
CA LEU C 14 28.81 -16.76 -34.81
C LEU C 14 27.53 -17.56 -34.59
N GLU C 15 27.42 -18.26 -33.46
CA GLU C 15 26.28 -19.12 -33.28
C GLU C 15 25.96 -19.17 -31.81
N ILE C 16 24.70 -19.04 -31.46
CA ILE C 16 24.31 -19.08 -30.05
C ILE C 16 23.12 -20.01 -29.92
N VAL C 17 23.06 -20.75 -28.83
CA VAL C 17 21.94 -21.64 -28.59
C VAL C 17 20.65 -20.83 -28.24
N LEU C 18 19.54 -21.08 -28.92
CA LEU C 18 18.27 -20.40 -28.62
C LEU C 18 17.30 -21.36 -27.89
N PRO C 19 17.19 -21.24 -26.57
CA PRO C 19 16.28 -22.13 -25.84
C PRO C 19 14.84 -21.67 -25.95
N LEU C 20 13.99 -22.58 -26.42
CA LEU C 20 12.59 -22.30 -26.62
C LEU C 20 11.72 -23.33 -25.92
N ALA C 21 10.61 -22.86 -25.35
CA ALA C 21 9.67 -23.78 -24.75
C ALA C 21 9.05 -24.43 -25.98
N PRO C 22 8.47 -25.62 -25.85
CA PRO C 22 7.93 -26.25 -27.04
C PRO C 22 6.78 -25.46 -27.66
N TRP C 23 5.96 -24.81 -26.85
CA TRP C 23 4.85 -24.03 -27.41
C TRP C 23 5.36 -22.84 -28.19
N GLU C 24 6.53 -22.35 -27.81
CA GLU C 24 7.10 -21.23 -28.55
C GLU C 24 7.54 -21.68 -29.92
N ALA C 25 8.03 -22.91 -30.02
CA ALA C 25 8.47 -23.42 -31.31
C ALA C 25 7.27 -23.79 -32.18
N ALA C 26 6.23 -24.34 -31.59
CA ALA C 26 5.06 -24.75 -32.34
C ALA C 26 4.25 -23.53 -32.80
N LEU C 27 3.92 -22.62 -31.87
CA LEU C 27 3.10 -21.41 -32.17
C LEU C 27 3.91 -20.24 -32.72
N GLY C 28 5.19 -20.22 -32.39
CA GLY C 28 6.06 -19.15 -32.85
C GLY C 28 6.24 -18.16 -31.72
N ALA C 29 7.25 -17.31 -31.83
CA ALA C 29 7.50 -16.37 -30.78
C ALA C 29 8.37 -15.24 -31.28
N LYS C 30 8.60 -14.28 -30.39
CA LYS C 30 9.48 -13.14 -30.62
C LYS C 30 10.45 -13.17 -29.44
N VAL C 31 11.72 -13.31 -29.76
CA VAL C 31 12.76 -13.42 -28.77
C VAL C 31 13.81 -12.36 -28.97
N THR C 32 14.27 -11.81 -27.87
CA THR C 32 15.31 -10.81 -27.93
C THR C 32 16.59 -11.60 -27.76
N VAL C 33 17.43 -11.54 -28.79
CA VAL C 33 18.66 -12.26 -28.82
C VAL C 33 19.86 -11.32 -28.74
N PRO C 34 20.81 -11.62 -27.85
CA PRO C 34 22.02 -10.79 -27.75
C PRO C 34 22.95 -11.03 -28.93
N THR C 35 23.83 -10.07 -29.17
CA THR C 35 24.82 -10.12 -30.24
C THR C 35 26.10 -9.60 -29.60
N LEU C 36 27.12 -9.32 -30.39
CA LEU C 36 28.33 -8.73 -29.85
C LEU C 36 28.03 -7.29 -29.45
N LYS C 37 27.15 -6.65 -30.22
CA LYS C 37 26.76 -5.27 -29.97
C LYS C 37 25.31 -5.15 -29.46
N GLU C 38 24.41 -4.73 -30.34
CA GLU C 38 23.02 -4.54 -29.97
C GLU C 38 22.23 -5.85 -29.96
N SER C 39 21.25 -5.92 -29.07
CA SER C 39 20.39 -7.08 -29.02
C SER C 39 19.44 -6.98 -30.20
N ILE C 40 18.86 -8.10 -30.59
CA ILE C 40 17.98 -8.07 -31.74
C ILE C 40 16.72 -8.86 -31.46
N LEU C 41 15.55 -8.34 -31.86
CA LEU C 41 14.27 -9.06 -31.77
C LEU C 41 14.23 -9.98 -32.92
N LEU C 42 14.23 -11.28 -32.62
CA LEU C 42 14.21 -12.32 -33.63
C LEU C 42 12.88 -13.01 -33.67
N THR C 43 12.39 -13.18 -34.88
CA THR C 43 11.14 -13.87 -35.09
C THR C 43 11.33 -15.38 -35.26
N VAL C 44 10.71 -16.14 -34.38
CA VAL C 44 10.75 -17.57 -34.46
C VAL C 44 9.41 -17.96 -35.12
N PRO C 45 9.48 -18.48 -36.36
CA PRO C 45 8.24 -18.79 -37.01
C PRO C 45 7.54 -19.99 -36.38
N PRO C 46 6.24 -20.08 -36.60
CA PRO C 46 5.50 -21.24 -36.13
C PRO C 46 5.99 -22.52 -36.83
N GLY C 47 6.03 -23.63 -36.09
CA GLY C 47 6.48 -24.91 -36.63
C GLY C 47 7.99 -24.99 -36.69
N SER C 48 8.64 -24.30 -35.76
CA SER C 48 10.09 -24.29 -35.74
C SER C 48 10.59 -25.61 -35.25
N GLN C 49 11.70 -26.03 -35.83
CA GLN C 49 12.32 -27.32 -35.59
C GLN C 49 13.53 -27.28 -34.68
N ALA C 50 13.82 -28.40 -34.02
CA ALA C 50 15.01 -28.52 -33.18
C ALA C 50 16.20 -28.39 -34.10
N GLY C 51 17.22 -27.68 -33.66
CA GLY C 51 18.43 -27.53 -34.46
C GLY C 51 18.29 -26.55 -35.60
N GLN C 52 17.10 -25.99 -35.75
CA GLN C 52 16.90 -25.01 -36.82
C GLN C 52 17.73 -23.76 -36.49
N ARG C 53 18.47 -23.31 -37.49
CA ARG C 53 19.36 -22.15 -37.44
C ARG C 53 18.67 -20.88 -37.95
N LEU C 54 18.10 -20.08 -37.05
CA LEU C 54 17.44 -18.82 -37.41
C LEU C 54 18.52 -17.75 -37.57
N ARG C 55 18.67 -17.17 -38.74
CA ARG C 55 19.75 -16.22 -38.99
C ARG C 55 19.48 -14.73 -38.72
N ILE C 56 20.49 -14.04 -38.19
CA ILE C 56 20.48 -12.59 -37.97
C ILE C 56 21.68 -12.08 -38.80
N LYS C 57 21.43 -11.69 -40.06
CA LYS C 57 22.46 -11.19 -40.99
C LYS C 57 23.37 -10.13 -40.47
N GLY C 58 24.65 -10.25 -40.82
CA GLY C 58 25.65 -9.27 -40.46
C GLY C 58 26.04 -9.17 -39.01
N LYS C 59 25.38 -9.91 -38.12
CA LYS C 59 25.74 -9.85 -36.71
C LYS C 59 26.81 -10.87 -36.33
N GLY C 60 27.65 -11.25 -37.29
CA GLY C 60 28.72 -12.18 -37.03
C GLY C 60 30.03 -11.42 -36.94
N LEU C 61 31.14 -12.12 -37.20
CA LEU C 61 32.49 -11.54 -37.15
C LEU C 61 33.00 -10.99 -38.48
N VAL C 62 33.86 -9.97 -38.38
CA VAL C 62 34.50 -9.32 -39.53
C VAL C 62 35.87 -9.96 -39.80
N THR C 67 31.64 -9.31 -43.69
CA THR C 67 31.25 -9.62 -42.30
C THR C 67 30.34 -10.85 -42.23
N GLY C 68 30.45 -11.60 -41.14
CA GLY C 68 29.65 -12.83 -40.97
C GLY C 68 28.29 -12.61 -40.34
N ASP C 69 27.55 -13.70 -40.19
CA ASP C 69 26.23 -13.62 -39.60
C ASP C 69 26.18 -14.28 -38.21
N LEU C 70 25.03 -14.13 -37.54
CA LEU C 70 24.81 -14.75 -36.23
C LEU C 70 23.67 -15.73 -36.47
N PHE C 71 23.76 -16.91 -35.87
CA PHE C 71 22.70 -17.89 -36.00
C PHE C 71 22.22 -18.26 -34.61
N ALA C 72 20.91 -18.22 -34.41
CA ALA C 72 20.30 -18.63 -33.16
C ALA C 72 19.87 -20.06 -33.50
N VAL C 73 20.48 -21.06 -32.86
CA VAL C 73 20.20 -22.49 -33.15
C VAL C 73 19.19 -22.94 -32.11
N ILE C 74 18.02 -23.38 -32.54
CA ILE C 74 16.96 -23.78 -31.62
C ILE C 74 17.23 -25.08 -30.84
N LYS C 75 16.97 -25.00 -29.53
CA LYS C 75 17.09 -26.12 -28.62
C LYS C 75 15.80 -26.08 -27.80
N ILE C 76 14.99 -27.12 -27.91
CA ILE C 76 13.73 -27.16 -27.20
C ILE C 76 13.94 -27.60 -25.77
N VAL C 77 13.61 -26.72 -24.82
CA VAL C 77 13.75 -27.02 -23.40
C VAL C 77 12.37 -27.23 -22.70
N MSE C 78 12.37 -27.93 -21.56
CA MSE C 78 11.14 -28.30 -20.86
C MSE C 78 11.07 -27.78 -19.44
O MSE C 78 12.08 -27.61 -18.77
CB MSE C 78 11.11 -29.82 -20.67
CG MSE C 78 11.22 -30.64 -21.92
SE MSE C 78 9.62 -30.64 -23.02
CE MSE C 78 8.32 -31.38 -21.78
N PRO C 79 9.85 -27.56 -18.95
CA PRO C 79 9.67 -27.15 -17.57
C PRO C 79 9.81 -28.37 -16.64
N THR C 80 9.69 -28.16 -15.33
CA THR C 80 9.80 -29.27 -14.37
C THR C 80 8.57 -30.17 -14.44
N LYS C 81 8.75 -31.42 -13.99
CA LYS C 81 7.70 -32.44 -13.99
C LYS C 81 6.27 -31.87 -13.94
N PRO C 82 5.44 -32.26 -14.91
CA PRO C 82 4.05 -31.81 -15.01
C PRO C 82 3.14 -32.24 -13.87
N ASP C 83 2.41 -31.28 -13.32
CA ASP C 83 1.46 -31.55 -12.24
C ASP C 83 0.14 -32.00 -12.85
N GLU C 84 -0.70 -32.63 -12.02
CA GLU C 84 -2.00 -33.18 -12.44
C GLU C 84 -2.57 -32.51 -13.70
N LYS C 85 -2.74 -31.19 -13.64
CA LYS C 85 -3.29 -30.38 -14.74
C LYS C 85 -2.43 -30.33 -16.01
N ALA C 86 -1.13 -30.11 -15.88
CA ALA C 86 -0.24 -30.07 -17.05
C ALA C 86 -0.22 -31.45 -17.75
N ARG C 87 -0.36 -32.52 -16.97
CA ARG C 87 -0.34 -33.87 -17.50
C ARG C 87 -1.55 -34.09 -18.42
N GLU C 88 -2.75 -33.79 -17.93
CA GLU C 88 -3.97 -33.94 -18.74
C GLU C 88 -3.81 -33.33 -20.13
N LEU C 89 -3.30 -32.10 -20.19
CA LEU C 89 -3.06 -31.42 -21.46
C LEU C 89 -1.99 -32.14 -22.32
N TRP C 90 -0.90 -32.61 -21.71
CA TRP C 90 0.11 -33.32 -22.48
C TRP C 90 -0.46 -34.59 -23.09
N GLN C 91 -1.33 -35.27 -22.34
CA GLN C 91 -1.98 -36.48 -22.85
C GLN C 91 -2.87 -36.18 -24.04
N GLN C 92 -3.57 -35.05 -24.00
CA GLN C 92 -4.48 -34.73 -25.09
C GLN C 92 -3.73 -34.29 -26.35
N LEU C 93 -2.57 -33.67 -26.16
CA LEU C 93 -1.78 -33.21 -27.28
C LEU C 93 -1.08 -34.42 -27.94
N ALA C 94 -0.80 -35.45 -27.15
CA ALA C 94 -0.17 -36.64 -27.71
C ALA C 94 -1.22 -37.32 -28.61
N ALA C 95 -2.46 -37.33 -28.15
CA ALA C 95 -3.55 -37.89 -28.95
C ALA C 95 -3.70 -37.11 -30.27
N ALA C 96 -3.62 -35.78 -30.23
CA ALA C 96 -3.77 -34.97 -31.44
C ALA C 96 -2.65 -35.13 -32.47
N GLU C 97 -1.40 -35.26 -32.02
CA GLU C 97 -0.26 -35.38 -32.93
C GLU C 97 0.30 -36.80 -33.00
N ALA C 98 -0.61 -37.78 -33.09
CA ALA C 98 -0.27 -39.21 -33.15
C ALA C 98 0.52 -39.64 -34.38
N SER C 99 0.31 -38.95 -35.51
CA SER C 99 1.03 -39.28 -36.73
C SER C 99 2.48 -38.86 -36.63
N PHE C 100 2.83 -38.17 -35.55
CA PHE C 100 4.22 -37.74 -35.40
C PHE C 100 5.05 -38.90 -34.85
N ASP C 101 6.07 -39.24 -35.61
CA ASP C 101 6.97 -40.31 -35.24
C ASP C 101 8.37 -39.72 -35.07
N PRO C 102 8.65 -39.16 -33.89
CA PRO C 102 9.97 -38.57 -33.68
C PRO C 102 11.14 -39.47 -34.07
N ARG C 103 11.03 -40.77 -33.84
CA ARG C 103 12.13 -41.72 -34.13
C ARG C 103 11.95 -42.46 -35.44
N LYS C 104 11.62 -41.73 -36.49
CA LYS C 104 11.37 -42.33 -37.81
C LYS C 104 12.60 -42.97 -38.42
N THR C 105 13.75 -42.31 -38.28
CA THR C 105 14.99 -42.81 -38.89
C THR C 105 15.40 -44.18 -38.36
N TRP C 106 14.97 -44.50 -37.12
CA TRP C 106 15.28 -45.79 -36.54
C TRP C 106 14.36 -46.87 -37.09
N HIS D 4 23.86 -41.49 -42.26
CA HIS D 4 23.82 -41.12 -40.82
C HIS D 4 24.07 -42.24 -39.80
N PRO D 5 25.33 -42.36 -39.32
CA PRO D 5 25.65 -43.35 -38.31
C PRO D 5 25.01 -42.96 -37.01
N LEU D 6 24.50 -43.93 -36.28
CA LEU D 6 23.80 -43.67 -35.03
C LEU D 6 24.61 -43.46 -33.79
N PHE D 7 25.84 -43.93 -33.78
CA PHE D 7 26.60 -43.87 -32.57
C PHE D 7 27.84 -43.06 -32.61
N ASP D 8 28.00 -42.30 -31.54
CA ASP D 8 29.18 -41.51 -31.36
C ASP D 8 30.03 -42.41 -30.44
N ILE D 9 31.30 -42.55 -30.77
CA ILE D 9 32.21 -43.39 -29.99
C ILE D 9 33.04 -42.55 -29.05
N VAL D 10 32.83 -42.74 -27.74
CA VAL D 10 33.56 -42.01 -26.73
C VAL D 10 34.23 -43.02 -25.84
N GLY D 11 35.47 -43.35 -26.16
CA GLY D 11 36.21 -44.33 -25.40
C GLY D 11 35.58 -45.66 -25.74
N HIS D 12 35.28 -46.45 -24.73
CA HIS D 12 34.60 -47.73 -24.96
C HIS D 12 33.08 -47.55 -24.92
N ASN D 13 32.59 -46.34 -24.63
CA ASN D 13 31.15 -46.12 -24.61
C ASN D 13 30.63 -45.66 -25.99
N LEU D 14 29.32 -45.80 -26.20
CA LEU D 14 28.67 -45.38 -27.38
C LEU D 14 27.61 -44.39 -26.91
N GLU D 15 27.35 -43.38 -27.72
CA GLU D 15 26.29 -42.40 -27.41
C GLU D 15 25.35 -42.28 -28.60
N ILE D 16 24.06 -42.18 -28.32
CA ILE D 16 23.05 -42.04 -29.37
C ILE D 16 22.04 -40.94 -28.99
N VAL D 17 21.66 -40.14 -29.98
CA VAL D 17 20.68 -39.06 -29.81
C VAL D 17 19.34 -39.74 -29.73
N LEU D 18 18.63 -39.49 -28.63
CA LEU D 18 17.31 -40.07 -28.40
C LEU D 18 16.24 -39.02 -28.68
N PRO D 19 15.75 -38.95 -29.92
CA PRO D 19 14.72 -37.97 -30.19
C PRO D 19 13.41 -38.28 -29.45
N LEU D 20 12.87 -37.33 -28.68
CA LEU D 20 11.58 -37.51 -28.00
C LEU D 20 10.64 -36.40 -28.30
N ALA D 21 9.36 -36.71 -28.41
CA ALA D 21 8.33 -35.69 -28.60
C ALA D 21 8.25 -35.04 -27.24
N PRO D 22 7.83 -33.76 -27.21
CA PRO D 22 7.72 -33.08 -25.93
C PRO D 22 6.88 -33.85 -24.94
N TRP D 23 5.74 -34.36 -25.41
CA TRP D 23 4.81 -35.11 -24.54
C TRP D 23 5.46 -36.30 -23.88
N GLU D 24 6.33 -36.97 -24.61
CA GLU D 24 7.02 -38.17 -24.11
C GLU D 24 8.03 -37.82 -23.02
N ALA D 25 8.71 -36.69 -23.17
CA ALA D 25 9.66 -36.29 -22.16
C ALA D 25 8.91 -35.85 -20.91
N ALA D 26 7.74 -35.24 -21.10
CA ALA D 26 6.98 -34.74 -19.98
C ALA D 26 6.23 -35.85 -19.26
N LEU D 27 5.54 -36.70 -20.02
CA LEU D 27 4.72 -37.74 -19.42
C LEU D 27 5.45 -39.05 -19.16
N GLY D 28 6.64 -39.20 -19.72
CA GLY D 28 7.43 -40.41 -19.56
C GLY D 28 7.08 -41.31 -20.71
N ALA D 29 7.93 -42.29 -21.04
CA ALA D 29 7.63 -43.21 -22.14
C ALA D 29 8.63 -44.35 -22.16
N LYS D 30 8.28 -45.42 -22.87
CA LYS D 30 9.13 -46.60 -23.02
C LYS D 30 9.45 -46.59 -24.51
N VAL D 31 10.71 -46.44 -24.83
CA VAL D 31 11.13 -46.29 -26.21
C VAL D 31 12.09 -47.43 -26.61
N THR D 32 12.10 -47.76 -27.90
CA THR D 32 12.94 -48.86 -28.38
C THR D 32 14.19 -48.24 -28.93
N VAL D 33 15.33 -48.58 -28.33
CA VAL D 33 16.62 -48.02 -28.72
C VAL D 33 17.54 -49.09 -29.39
N PRO D 34 18.06 -48.79 -30.57
CA PRO D 34 18.96 -49.72 -31.20
C PRO D 34 20.31 -49.78 -30.47
N THR D 35 20.98 -50.92 -30.57
CA THR D 35 22.31 -51.13 -30.01
C THR D 35 23.17 -51.72 -31.18
N LEU D 36 24.39 -52.17 -30.94
CA LEU D 36 25.15 -52.78 -32.03
C LEU D 36 24.61 -54.17 -32.33
N LYS D 37 23.82 -54.72 -31.41
CA LYS D 37 23.22 -56.03 -31.57
C LYS D 37 21.71 -55.82 -31.70
N GLU D 38 20.93 -56.25 -30.71
CA GLU D 38 19.50 -56.11 -30.79
C GLU D 38 19.03 -54.89 -30.00
N SER D 39 17.85 -54.43 -30.34
CA SER D 39 17.24 -53.32 -29.69
C SER D 39 16.82 -53.65 -28.26
N ILE D 40 16.76 -52.56 -27.49
CA ILE D 40 16.47 -52.51 -26.07
C ILE D 40 15.37 -51.53 -25.73
N LEU D 41 14.55 -51.91 -24.76
CA LEU D 41 13.50 -51.03 -24.31
C LEU D 41 14.10 -50.16 -23.21
N LEU D 42 14.06 -48.84 -23.40
CA LEU D 42 14.57 -47.88 -22.41
C LEU D 42 13.36 -47.19 -21.84
N THR D 43 13.26 -47.11 -20.52
CA THR D 43 12.12 -46.44 -19.93
C THR D 43 12.50 -44.99 -19.61
N VAL D 44 11.94 -44.04 -20.37
CA VAL D 44 12.19 -42.62 -20.16
C VAL D 44 11.28 -42.10 -19.04
N PRO D 45 11.86 -41.59 -17.95
CA PRO D 45 11.05 -41.12 -16.83
C PRO D 45 10.26 -39.85 -17.11
N PRO D 46 9.21 -39.61 -16.32
CA PRO D 46 8.40 -38.41 -16.47
C PRO D 46 9.23 -37.20 -16.04
N GLY D 47 8.98 -36.07 -16.69
CA GLY D 47 9.74 -34.84 -16.39
C GLY D 47 11.18 -34.92 -16.87
N SER D 48 11.45 -35.71 -17.90
CA SER D 48 12.81 -35.78 -18.41
C SER D 48 13.13 -34.51 -19.17
N GLN D 49 14.42 -34.18 -19.27
CA GLN D 49 14.87 -32.92 -19.89
C GLN D 49 15.76 -33.03 -21.11
N ALA D 50 15.85 -31.94 -21.86
CA ALA D 50 16.71 -31.89 -23.04
C ALA D 50 18.14 -32.10 -22.56
N GLY D 51 18.91 -32.92 -23.27
CA GLY D 51 20.29 -33.18 -22.87
C GLY D 51 20.52 -34.25 -21.80
N GLN D 52 19.46 -34.76 -21.18
N GLN D 52 19.48 -34.69 -21.11
CA GLN D 52 19.57 -35.78 -20.15
CA GLN D 52 19.65 -35.75 -20.09
C GLN D 52 20.17 -37.08 -20.71
C GLN D 52 20.18 -37.06 -20.70
N ARG D 53 21.19 -37.60 -20.07
CA ARG D 53 21.82 -38.83 -20.49
C ARG D 53 21.20 -39.98 -19.72
N LEU D 54 20.69 -40.98 -20.45
CA LEU D 54 20.07 -42.15 -19.87
C LEU D 54 21.02 -43.29 -20.20
N ARG D 55 21.46 -43.98 -19.18
CA ARG D 55 22.46 -45.01 -19.32
C ARG D 55 21.89 -46.41 -19.60
N ILE D 56 22.45 -47.09 -20.61
CA ILE D 56 22.07 -48.48 -20.94
C ILE D 56 23.35 -49.31 -20.72
N LYS D 57 23.39 -49.89 -19.54
CA LYS D 57 24.52 -50.63 -19.06
C LYS D 57 24.95 -51.79 -19.95
N GLY D 58 26.23 -51.83 -20.29
CA GLY D 58 26.80 -52.94 -21.06
C GLY D 58 26.55 -52.96 -22.56
N LYS D 59 25.97 -51.91 -23.12
CA LYS D 59 25.69 -51.86 -24.56
C LYS D 59 26.63 -51.03 -25.39
N GLY D 60 27.82 -50.77 -24.87
CA GLY D 60 28.86 -50.07 -25.59
C GLY D 60 29.74 -51.07 -26.31
N LEU D 61 30.97 -50.68 -26.59
CA LEU D 61 31.93 -51.51 -27.27
C LEU D 61 32.51 -52.55 -26.37
N VAL D 62 32.61 -53.75 -26.92
CA VAL D 62 33.19 -54.87 -26.23
C VAL D 62 34.64 -54.77 -26.67
N SER D 63 35.49 -54.29 -25.76
CA SER D 63 36.91 -54.13 -26.04
C SER D 63 37.72 -55.32 -25.54
N LYS D 64 39.04 -55.14 -25.49
CA LYS D 64 39.93 -56.22 -25.12
C LYS D 64 39.75 -56.83 -23.70
N THR D 65 39.32 -56.05 -22.72
CA THR D 65 39.12 -56.55 -21.35
C THR D 65 37.96 -55.84 -20.62
N HIS D 66 37.16 -55.08 -21.37
CA HIS D 66 36.12 -54.28 -20.75
C HIS D 66 35.05 -54.01 -21.76
N THR D 67 33.81 -53.98 -21.29
CA THR D 67 32.65 -53.68 -22.15
C THR D 67 32.02 -52.40 -21.62
N GLY D 68 31.86 -51.42 -22.51
CA GLY D 68 31.31 -50.13 -22.16
C GLY D 68 29.81 -50.04 -22.16
N ASP D 69 29.32 -48.84 -21.95
CA ASP D 69 27.89 -48.60 -21.92
C ASP D 69 27.44 -47.78 -23.11
N LEU D 70 26.13 -47.78 -23.30
CA LEU D 70 25.47 -46.98 -24.30
C LEU D 70 24.75 -45.89 -23.51
N PHE D 71 24.80 -44.66 -24.01
CA PHE D 71 24.09 -43.54 -23.38
C PHE D 71 23.16 -42.93 -24.41
N ALA D 72 21.87 -42.87 -24.05
CA ALA D 72 20.80 -42.29 -24.88
C ALA D 72 20.72 -40.84 -24.44
N VAL D 73 20.99 -39.88 -25.31
CA VAL D 73 20.97 -38.46 -24.95
C VAL D 73 19.72 -37.77 -25.52
N ILE D 74 18.81 -37.38 -24.65
CA ILE D 74 17.55 -36.76 -25.06
C ILE D 74 17.64 -35.47 -25.87
N LYS D 75 16.86 -35.42 -26.95
CA LYS D 75 16.75 -34.23 -27.80
C LYS D 75 15.29 -34.11 -28.05
N ILE D 76 14.68 -32.97 -27.72
CA ILE D 76 13.27 -32.80 -27.92
C ILE D 76 13.09 -32.34 -29.36
N VAL D 77 12.21 -33.02 -30.09
CA VAL D 77 11.97 -32.75 -31.50
C VAL D 77 10.51 -32.45 -31.71
N MSE D 78 10.20 -31.63 -32.70
CA MSE D 78 8.82 -31.18 -32.99
C MSE D 78 8.25 -31.58 -34.33
O MSE D 78 8.97 -31.90 -35.27
CB MSE D 78 8.78 -29.63 -33.03
CG MSE D 78 9.35 -28.90 -31.86
SE MSE D 78 8.30 -29.05 -30.25
CE MSE D 78 6.74 -28.00 -30.71
N PRO D 79 6.92 -31.54 -34.46
CA PRO D 79 6.31 -31.78 -35.76
C PRO D 79 6.35 -30.51 -36.62
N THR D 80 5.86 -30.58 -37.86
CA THR D 80 5.81 -29.40 -38.75
C THR D 80 4.67 -28.53 -38.28
N LYS D 81 4.37 -27.44 -38.98
CA LYS D 81 3.27 -26.55 -38.58
C LYS D 81 2.05 -27.20 -37.90
N PRO D 82 1.75 -26.80 -36.63
CA PRO D 82 0.63 -27.40 -35.95
C PRO D 82 -0.63 -26.87 -36.58
N ASP D 83 -1.59 -27.75 -36.80
CA ASP D 83 -2.85 -27.35 -37.39
C ASP D 83 -3.73 -26.75 -36.31
N GLU D 84 -5.00 -26.62 -36.66
CA GLU D 84 -6.05 -26.07 -35.81
C GLU D 84 -6.12 -26.62 -34.38
N LYS D 85 -6.46 -27.88 -34.24
CA LYS D 85 -6.56 -28.45 -32.91
C LYS D 85 -5.24 -28.44 -32.15
N ALA D 86 -4.15 -28.68 -32.86
CA ALA D 86 -2.84 -28.72 -32.20
C ALA D 86 -2.52 -27.35 -31.63
N ARG D 87 -2.71 -26.30 -32.41
CA ARG D 87 -2.47 -24.94 -31.93
C ARG D 87 -3.28 -24.62 -30.68
N GLU D 88 -4.50 -25.13 -30.55
CA GLU D 88 -5.33 -24.86 -29.36
C GLU D 88 -4.74 -25.47 -28.11
N LEU D 89 -4.34 -26.74 -28.19
CA LEU D 89 -3.72 -27.40 -27.01
C LEU D 89 -2.41 -26.70 -26.57
N TRP D 90 -1.58 -26.36 -27.56
CA TRP D 90 -0.32 -25.66 -27.27
C TRP D 90 -0.59 -24.35 -26.55
N GLN D 91 -1.61 -23.64 -27.02
CA GLN D 91 -1.96 -22.38 -26.41
C GLN D 91 -2.29 -22.64 -24.94
N GLN D 92 -3.08 -23.68 -24.68
CA GLN D 92 -3.50 -24.02 -23.32
C GLN D 92 -2.33 -24.40 -22.43
N LEU D 93 -1.31 -24.98 -23.05
CA LEU D 93 -0.13 -25.47 -22.34
C LEU D 93 0.77 -24.26 -21.91
N ALA D 94 0.80 -23.24 -22.75
CA ALA D 94 1.51 -21.99 -22.45
C ALA D 94 0.88 -21.27 -21.25
N ALA D 95 -0.44 -21.32 -21.14
CA ALA D 95 -1.20 -20.69 -20.03
C ALA D 95 -1.02 -21.44 -18.69
N ALA D 96 -1.04 -22.76 -18.73
CA ALA D 96 -0.84 -23.53 -17.50
C ALA D 96 0.63 -23.43 -17.03
N GLU D 97 1.54 -23.26 -17.98
CA GLU D 97 2.94 -23.16 -17.70
C GLU D 97 3.46 -21.73 -17.97
N ALA D 98 2.64 -20.76 -17.64
CA ALA D 98 2.92 -19.34 -17.87
C ALA D 98 4.19 -18.78 -17.23
N SER D 99 4.50 -19.25 -16.04
CA SER D 99 5.67 -18.74 -15.32
C SER D 99 6.97 -19.35 -15.82
N PHE D 100 6.91 -20.32 -16.72
CA PHE D 100 8.14 -20.91 -17.21
C PHE D 100 8.92 -19.98 -18.15
N ASP D 101 10.14 -19.62 -17.75
CA ASP D 101 10.98 -18.80 -18.60
C ASP D 101 12.15 -19.62 -19.06
N PRO D 102 12.05 -20.21 -20.25
CA PRO D 102 13.13 -21.03 -20.80
C PRO D 102 14.44 -20.29 -20.97
N ARG D 103 14.38 -18.96 -21.07
CA ARG D 103 15.53 -18.11 -21.25
C ARG D 103 15.74 -17.26 -20.02
N LYS D 104 15.75 -17.91 -18.86
CA LYS D 104 15.95 -17.17 -17.62
C LYS D 104 17.38 -16.65 -17.54
N THR D 105 18.35 -17.44 -18.01
CA THR D 105 19.79 -17.03 -18.02
C THR D 105 19.98 -15.60 -18.58
N TRP D 106 19.23 -15.25 -19.63
CA TRP D 106 19.35 -13.92 -20.27
C TRP D 106 18.52 -12.85 -19.53
N PRO E 5 -15.54 19.31 9.03
CA PRO E 5 -15.23 19.15 7.60
C PRO E 5 -14.10 18.15 7.42
N LEU E 6 -14.41 16.89 7.16
CA LEU E 6 -13.35 15.90 7.08
C LEU E 6 -13.38 15.25 5.67
N PHE E 7 -12.23 15.22 4.99
CA PHE E 7 -12.18 14.74 3.59
C PHE E 7 -11.24 13.61 3.28
N ASP E 8 -11.45 13.06 2.10
CA ASP E 8 -10.62 12.02 1.52
C ASP E 8 -9.98 12.73 0.31
N ILE E 9 -8.69 12.51 0.08
CA ILE E 9 -8.00 13.17 -1.03
C ILE E 9 -7.71 12.10 -2.08
N VAL E 10 -8.42 12.15 -3.20
CA VAL E 10 -8.22 11.18 -4.26
C VAL E 10 -7.78 11.99 -5.45
N GLY E 11 -6.47 12.02 -5.69
CA GLY E 11 -5.89 12.80 -6.79
C GLY E 11 -6.09 14.24 -6.38
N HIS E 12 -6.52 15.08 -7.32
CA HIS E 12 -6.77 16.48 -7.01
C HIS E 12 -8.14 16.57 -6.31
N ASN E 13 -8.97 15.56 -6.51
CA ASN E 13 -10.31 15.56 -5.96
C ASN E 13 -10.43 15.30 -4.46
N LEU E 14 -11.52 15.85 -3.92
CA LEU E 14 -11.89 15.73 -2.52
C LEU E 14 -13.21 14.99 -2.47
N GLU E 15 -13.28 13.95 -1.63
CA GLU E 15 -14.51 13.18 -1.47
C GLU E 15 -14.98 13.36 -0.05
N ILE E 16 -16.28 13.58 0.12
CA ILE E 16 -16.85 13.81 1.44
C ILE E 16 -18.10 12.97 1.71
N VAL E 17 -18.17 12.45 2.93
CA VAL E 17 -19.30 11.64 3.38
C VAL E 17 -20.56 12.50 3.56
N LEU E 18 -21.62 12.15 2.84
CA LEU E 18 -22.89 12.89 2.93
C LEU E 18 -23.95 12.06 3.66
N PRO E 19 -24.02 12.21 4.99
CA PRO E 19 -25.02 11.46 5.73
C PRO E 19 -26.45 11.94 5.45
N LEU E 20 -27.33 10.98 5.21
CA LEU E 20 -28.73 11.28 5.01
C LEU E 20 -29.54 10.27 5.83
N ALA E 21 -30.65 10.74 6.36
CA ALA E 21 -31.58 9.89 7.08
C ALA E 21 -32.32 9.25 5.93
N PRO E 22 -32.84 8.03 6.12
CA PRO E 22 -33.51 7.39 5.01
C PRO E 22 -34.56 8.26 4.35
N TRP E 23 -35.33 9.00 5.15
CA TRP E 23 -36.43 9.83 4.62
C TRP E 23 -36.01 10.95 3.66
N GLU E 24 -34.83 11.51 3.91
CA GLU E 24 -34.28 12.57 3.08
C GLU E 24 -33.88 12.09 1.69
N ALA E 25 -33.21 10.94 1.62
CA ALA E 25 -32.78 10.39 0.36
C ALA E 25 -34.00 10.01 -0.46
N ALA E 26 -35.01 9.53 0.23
CA ALA E 26 -36.23 9.07 -0.39
C ALA E 26 -37.03 10.22 -0.94
N LEU E 27 -37.29 11.20 -0.10
CA LEU E 27 -38.09 12.33 -0.49
C LEU E 27 -37.28 13.36 -1.27
N GLY E 28 -35.97 13.20 -1.33
CA GLY E 28 -35.10 14.19 -1.97
C GLY E 28 -35.05 15.36 -0.99
N ALA E 29 -33.90 16.03 -0.90
CA ALA E 29 -33.76 17.15 0.03
C ALA E 29 -32.61 18.07 -0.40
N LYS E 30 -32.61 19.30 0.13
CA LYS E 30 -31.53 20.25 -0.16
C LYS E 30 -30.73 20.39 1.12
N VAL E 31 -29.44 20.08 1.07
CA VAL E 31 -28.60 20.14 2.26
C VAL E 31 -27.31 20.86 1.99
N THR E 32 -26.95 21.77 2.90
CA THR E 32 -25.72 22.52 2.79
C THR E 32 -24.57 21.57 3.06
N VAL E 33 -23.55 21.68 2.22
CA VAL E 33 -22.37 20.84 2.25
C VAL E 33 -21.14 21.75 2.34
N PRO E 34 -20.22 21.47 3.28
CA PRO E 34 -19.04 22.33 3.39
C PRO E 34 -17.99 22.03 2.31
N THR E 35 -17.11 22.99 2.06
CA THR E 35 -16.03 22.84 1.10
C THR E 35 -14.82 23.52 1.77
N LEU E 36 -13.80 23.86 1.00
CA LEU E 36 -12.65 24.58 1.58
C LEU E 36 -12.92 26.11 1.52
N LYS E 37 -13.82 26.50 0.60
CA LYS E 37 -14.26 27.88 0.43
C LYS E 37 -15.68 27.90 1.04
N GLU E 38 -16.61 28.64 0.43
CA GLU E 38 -17.99 28.72 0.94
C GLU E 38 -18.76 27.39 0.85
N SER E 39 -19.71 27.20 1.78
CA SER E 39 -20.53 26.00 1.76
C SER E 39 -21.40 26.01 0.49
N ILE E 40 -22.16 24.94 0.29
CA ILE E 40 -23.01 24.80 -0.90
C ILE E 40 -24.33 24.06 -0.62
N LEU E 41 -25.46 24.65 -1.01
CA LEU E 41 -26.77 24.02 -0.85
C LEU E 41 -26.89 22.99 -2.00
N LEU E 42 -26.72 21.71 -1.68
CA LEU E 42 -26.78 20.67 -2.69
C LEU E 42 -28.17 20.01 -2.71
N THR E 43 -28.70 19.87 -3.93
CA THR E 43 -30.00 19.26 -4.16
C THR E 43 -29.91 17.73 -4.35
N VAL E 44 -30.32 17.00 -3.32
CA VAL E 44 -30.34 15.54 -3.34
C VAL E 44 -31.70 15.16 -3.92
N PRO E 45 -31.70 14.51 -5.09
CA PRO E 45 -32.97 14.18 -5.75
C PRO E 45 -33.86 13.10 -5.13
N PRO E 46 -35.20 13.21 -5.35
CA PRO E 46 -36.06 12.17 -4.83
C PRO E 46 -35.52 10.82 -5.32
N GLY E 47 -35.69 9.78 -4.50
CA GLY E 47 -35.20 8.45 -4.85
C GLY E 47 -33.68 8.34 -4.93
N SER E 48 -32.97 9.17 -4.16
CA SER E 48 -31.50 9.17 -4.10
C SER E 48 -31.00 7.83 -3.57
N GLN E 49 -29.81 7.42 -4.02
CA GLN E 49 -29.25 6.12 -3.63
C GLN E 49 -28.01 6.16 -2.74
N ALA E 50 -27.85 5.12 -1.92
CA ALA E 50 -26.69 5.00 -1.06
C ALA E 50 -25.44 4.88 -1.96
N GLY E 51 -24.39 5.63 -1.63
CA GLY E 51 -23.15 5.65 -2.40
C GLY E 51 -23.15 6.53 -3.65
N GLN E 52 -24.23 7.25 -3.87
CA GLN E 52 -24.34 8.12 -5.04
C GLN E 52 -23.33 9.25 -4.94
N ARG E 53 -22.62 9.50 -6.04
CA ARG E 53 -21.59 10.52 -6.06
C ARG E 53 -22.05 11.84 -6.68
N LEU E 54 -22.55 12.72 -5.83
CA LEU E 54 -23.02 14.05 -6.24
C LEU E 54 -21.80 14.97 -6.39
N ARG E 55 -21.48 15.26 -7.65
CA ARG E 55 -20.30 16.01 -8.03
C ARG E 55 -20.44 17.54 -7.99
N ILE E 56 -19.68 18.16 -7.08
CA ILE E 56 -19.66 19.60 -6.91
C ILE E 56 -18.42 20.12 -7.65
N LYS E 57 -18.60 20.21 -8.97
CA LYS E 57 -17.61 20.60 -9.96
C LYS E 57 -16.87 21.87 -9.54
N GLY E 58 -15.55 21.78 -9.47
CA GLY E 58 -14.70 22.92 -9.11
C GLY E 58 -14.16 23.00 -7.68
N LYS E 59 -14.90 22.47 -6.71
CA LYS E 59 -14.48 22.54 -5.29
C LYS E 59 -13.43 21.54 -4.80
N GLY E 60 -12.63 20.98 -5.72
CA GLY E 60 -11.55 20.06 -5.33
C GLY E 60 -10.34 20.84 -4.85
N LEU E 61 -9.14 20.27 -4.99
CA LEU E 61 -7.90 20.95 -4.57
C LEU E 61 -7.34 21.73 -5.74
N VAL E 62 -6.83 22.94 -5.47
CA VAL E 62 -6.25 23.78 -6.52
C VAL E 62 -4.74 23.51 -6.60
N THR E 67 -7.29 22.00 -11.20
CA THR E 67 -8.18 22.10 -10.03
C THR E 67 -9.33 21.05 -10.08
N GLY E 68 -9.29 20.11 -9.13
CA GLY E 68 -10.27 19.03 -9.08
C GLY E 68 -11.66 19.39 -8.60
N ASP E 69 -12.48 18.36 -8.41
CA ASP E 69 -13.84 18.54 -7.95
C ASP E 69 -14.04 17.95 -6.54
N LEU E 70 -15.24 18.14 -6.02
CA LEU E 70 -15.63 17.63 -4.71
C LEU E 70 -16.84 16.74 -4.88
N PHE E 71 -16.75 15.51 -4.39
CA PHE E 71 -17.89 14.61 -4.49
C PHE E 71 -18.55 14.45 -3.13
N ALA E 72 -19.88 14.51 -3.14
CA ALA E 72 -20.67 14.29 -1.94
C ALA E 72 -21.29 12.92 -2.13
N VAL E 73 -20.70 11.91 -1.48
CA VAL E 73 -21.16 10.52 -1.59
C VAL E 73 -22.20 10.18 -0.53
N ILE E 74 -23.43 9.95 -0.96
CA ILE E 74 -24.52 9.69 -0.03
C ILE E 74 -24.25 8.47 0.83
N LYS E 75 -24.61 8.58 2.11
CA LYS E 75 -24.45 7.48 3.05
C LYS E 75 -25.62 7.46 3.99
N ILE E 76 -26.35 6.36 4.00
CA ILE E 76 -27.52 6.27 4.82
C ILE E 76 -27.16 5.93 6.26
N VAL E 77 -27.72 6.72 7.19
CA VAL E 77 -27.44 6.55 8.62
C VAL E 77 -28.75 6.37 9.42
N MSE E 78 -28.66 5.68 10.56
CA MSE E 78 -29.85 5.33 11.36
C MSE E 78 -29.77 5.74 12.82
O MSE E 78 -28.69 5.75 13.40
CB MSE E 78 -30.03 3.81 11.35
CG MSE E 78 -30.07 3.14 9.97
SE MSE E 78 -31.70 3.41 8.93
CE MSE E 78 -33.02 2.52 10.08
N PRO E 79 -30.94 5.97 13.46
CA PRO E 79 -30.99 6.33 14.87
C PRO E 79 -30.90 5.08 15.74
N THR E 80 -30.97 5.25 17.05
CA THR E 80 -30.90 4.11 17.95
C THR E 80 -32.22 3.33 17.95
N LYS E 81 -32.33 2.35 18.85
CA LYS E 81 -33.52 1.54 18.99
C LYS E 81 -34.78 2.39 18.85
N PRO E 82 -35.68 2.00 17.95
CA PRO E 82 -36.95 2.69 17.73
C PRO E 82 -37.97 2.31 18.78
N ASP E 83 -38.83 3.25 19.17
CA ASP E 83 -39.84 2.96 20.19
C ASP E 83 -41.09 2.33 19.56
N GLU E 84 -42.11 2.11 20.38
CA GLU E 84 -43.38 1.49 19.95
C GLU E 84 -43.84 2.08 18.62
N LYS E 85 -44.07 3.40 18.67
CA LYS E 85 -44.52 4.21 17.54
C LYS E 85 -43.64 3.95 16.33
N ALA E 86 -42.33 4.09 16.54
CA ALA E 86 -41.34 3.92 15.49
C ALA E 86 -41.39 2.54 14.84
N ARG E 87 -41.53 1.48 15.63
CA ARG E 87 -41.59 0.14 15.05
C ARG E 87 -42.73 0.04 14.04
N GLU E 88 -43.91 0.48 14.48
CA GLU E 88 -45.12 0.46 13.68
C GLU E 88 -44.99 1.17 12.34
N LEU E 89 -44.37 2.34 12.34
CA LEU E 89 -44.20 3.09 11.10
C LEU E 89 -43.33 2.30 10.11
N TRP E 90 -42.18 1.81 10.55
CA TRP E 90 -41.30 1.02 9.68
C TRP E 90 -42.02 -0.20 9.11
N GLN E 91 -42.81 -0.85 9.95
CA GLN E 91 -43.55 -2.00 9.50
C GLN E 91 -44.44 -1.64 8.30
N GLN E 92 -45.02 -0.45 8.32
CA GLN E 92 -45.89 -0.05 7.23
C GLN E 92 -45.06 0.26 5.99
N LEU E 93 -43.87 0.82 6.22
CA LEU E 93 -42.94 1.08 5.13
C LEU E 93 -42.52 -0.20 4.43
N ALA E 94 -42.04 -1.18 5.20
CA ALA E 94 -41.61 -2.48 4.64
C ALA E 94 -42.69 -3.11 3.76
N ALA E 95 -43.93 -2.98 4.24
CA ALA E 95 -45.09 -3.48 3.53
C ALA E 95 -45.28 -2.71 2.23
N ALA E 96 -45.25 -1.38 2.32
CA ALA E 96 -45.45 -0.52 1.15
C ALA E 96 -44.39 -0.75 0.09
N GLU E 97 -43.14 -0.94 0.52
CA GLU E 97 -42.02 -1.18 -0.36
C GLU E 97 -41.53 -2.63 -0.31
N ALA E 98 -42.47 -3.58 -0.40
CA ALA E 98 -42.13 -5.00 -0.35
C ALA E 98 -41.38 -5.48 -1.59
N SER E 99 -41.65 -4.88 -2.74
CA SER E 99 -40.98 -5.30 -3.97
C SER E 99 -39.48 -5.08 -3.97
N PHE E 100 -38.98 -4.36 -2.97
CA PHE E 100 -37.54 -4.06 -2.88
C PHE E 100 -36.70 -5.23 -2.36
N ASP E 101 -35.80 -5.68 -3.21
CA ASP E 101 -34.92 -6.78 -2.91
C ASP E 101 -33.49 -6.25 -2.71
N PRO E 102 -33.17 -5.81 -1.49
CA PRO E 102 -31.86 -5.22 -1.19
C PRO E 102 -30.69 -6.14 -1.38
N ARG E 103 -30.93 -7.44 -1.48
CA ARG E 103 -29.86 -8.41 -1.63
C ARG E 103 -29.95 -9.20 -2.93
N LYS E 104 -30.49 -8.54 -3.95
CA LYS E 104 -30.64 -9.12 -5.29
C LYS E 104 -29.34 -9.81 -5.79
N THR E 105 -28.19 -9.28 -5.39
CA THR E 105 -26.87 -9.83 -5.74
C THR E 105 -26.66 -11.27 -5.32
N TRP E 106 -27.20 -11.64 -4.16
CA TRP E 106 -27.02 -13.00 -3.67
C TRP E 106 -28.10 -13.92 -4.24
N HIS F 4 -19.77 -10.81 -8.83
CA HIS F 4 -18.54 -10.32 -8.11
C HIS F 4 -18.18 -11.14 -6.86
N PRO F 5 -16.89 -11.13 -6.49
CA PRO F 5 -16.53 -11.87 -5.29
C PRO F 5 -17.10 -11.16 -4.12
N LEU F 6 -17.59 -11.92 -3.15
CA LEU F 6 -18.25 -11.34 -1.99
C LEU F 6 -17.42 -11.10 -0.74
N PHE F 7 -16.28 -11.77 -0.62
CA PHE F 7 -15.52 -11.72 0.62
C PHE F 7 -14.15 -11.09 0.54
N ASP F 8 -13.94 -10.06 1.33
CA ASP F 8 -12.64 -9.41 1.41
C ASP F 8 -11.84 -10.17 2.48
N ILE F 9 -10.57 -10.41 2.21
CA ILE F 9 -9.74 -11.15 3.16
C ILE F 9 -8.99 -10.20 4.05
N VAL F 10 -9.32 -10.21 5.34
CA VAL F 10 -8.67 -9.36 6.31
C VAL F 10 -8.00 -10.25 7.34
N GLY F 11 -6.79 -10.72 7.00
CA GLY F 11 -6.02 -11.61 7.87
C GLY F 11 -6.52 -13.03 7.64
N HIS F 12 -7.02 -13.64 8.71
CA HIS F 12 -7.56 -15.01 8.67
C HIS F 12 -9.08 -14.96 8.58
N ASN F 13 -9.62 -13.75 8.65
CA ASN F 13 -11.05 -13.53 8.60
C ASN F 13 -11.56 -13.01 7.24
N LEU F 14 -12.87 -13.09 7.07
CA LEU F 14 -13.53 -12.62 5.86
C LEU F 14 -14.55 -11.55 6.26
N GLU F 15 -14.80 -10.63 5.34
CA GLU F 15 -15.75 -9.57 5.51
C GLU F 15 -16.63 -9.55 4.27
N ILE F 16 -17.93 -9.38 4.49
CA ILE F 16 -18.90 -9.31 3.41
C ILE F 16 -19.82 -8.13 3.66
N VAL F 17 -20.15 -7.37 2.60
CA VAL F 17 -21.06 -6.24 2.77
C VAL F 17 -22.46 -6.82 2.98
N LEU F 18 -23.16 -6.35 4.02
CA LEU F 18 -24.50 -6.82 4.33
C LEU F 18 -25.49 -5.72 3.98
N PRO F 19 -26.08 -5.78 2.78
CA PRO F 19 -27.01 -4.73 2.42
C PRO F 19 -28.36 -4.88 3.12
N LEU F 20 -28.80 -3.85 3.84
CA LEU F 20 -30.08 -3.89 4.53
C LEU F 20 -30.99 -2.72 4.19
N ALA F 21 -32.27 -3.00 4.03
CA ALA F 21 -33.22 -1.94 3.80
C ALA F 21 -33.35 -1.22 5.15
N PRO F 22 -33.67 0.08 5.14
CA PRO F 22 -33.77 0.84 6.38
C PRO F 22 -34.59 0.14 7.49
N TRP F 23 -35.75 -0.41 7.13
CA TRP F 23 -36.62 -1.10 8.09
C TRP F 23 -35.99 -2.35 8.71
N GLU F 24 -35.20 -3.07 7.93
CA GLU F 24 -34.54 -4.26 8.43
C GLU F 24 -33.55 -3.92 9.57
N ALA F 25 -32.80 -2.82 9.46
CA ALA F 25 -31.85 -2.43 10.52
C ALA F 25 -32.56 -1.88 11.75
N ALA F 26 -33.65 -1.15 11.52
CA ALA F 26 -34.41 -0.58 12.62
C ALA F 26 -35.14 -1.68 13.41
N LEU F 27 -36.04 -2.39 12.73
CA LEU F 27 -36.86 -3.45 13.33
C LEU F 27 -36.05 -4.65 13.78
N GLY F 28 -35.02 -4.93 13.01
CA GLY F 28 -34.16 -6.09 13.23
C GLY F 28 -34.60 -7.03 12.13
N ALA F 29 -33.79 -8.05 11.84
CA ALA F 29 -34.15 -8.95 10.78
C ALA F 29 -33.37 -10.25 10.89
N LYS F 30 -33.85 -11.28 10.21
CA LYS F 30 -33.18 -12.59 10.15
C LYS F 30 -32.82 -12.77 8.66
N VAL F 31 -31.54 -12.98 8.37
CA VAL F 31 -31.13 -13.03 6.97
C VAL F 31 -30.13 -14.14 6.67
N THR F 32 -30.33 -14.82 5.55
CA THR F 32 -29.45 -15.91 5.16
C THR F 32 -28.24 -15.27 4.52
N VAL F 33 -27.05 -15.65 5.00
CA VAL F 33 -25.79 -15.09 4.51
C VAL F 33 -24.90 -16.17 3.88
N PRO F 34 -24.37 -15.90 2.69
CA PRO F 34 -23.51 -16.92 2.12
C PRO F 34 -22.19 -16.92 2.83
N THR F 35 -21.53 -18.09 2.82
CA THR F 35 -20.21 -18.24 3.40
C THR F 35 -19.43 -19.06 2.36
N LEU F 36 -18.18 -19.43 2.66
CA LEU F 36 -17.45 -20.25 1.72
C LEU F 36 -18.00 -21.67 1.70
N LYS F 37 -18.78 -22.00 2.73
CA LYS F 37 -19.43 -23.31 2.89
C LYS F 37 -20.98 -23.15 2.91
N GLU F 38 -21.64 -23.55 3.98
CA GLU F 38 -23.08 -23.44 4.02
C GLU F 38 -23.50 -22.01 4.36
N SER F 39 -24.63 -21.59 3.83
CA SER F 39 -25.16 -20.28 4.15
C SER F 39 -25.73 -20.36 5.58
N ILE F 40 -25.66 -19.27 6.34
CA ILE F 40 -26.14 -19.27 7.70
C ILE F 40 -27.12 -18.13 7.97
N LEU F 41 -27.97 -18.31 8.97
CA LEU F 41 -28.97 -17.34 9.34
C LEU F 41 -28.43 -16.44 10.44
N LEU F 42 -28.33 -15.17 10.11
CA LEU F 42 -27.79 -14.16 10.98
C LEU F 42 -28.94 -13.29 11.48
N THR F 43 -28.90 -12.98 12.77
CA THR F 43 -29.90 -12.13 13.32
C THR F 43 -29.35 -10.71 13.44
N VAL F 44 -30.02 -9.79 12.75
CA VAL F 44 -29.68 -8.39 12.83
C VAL F 44 -30.58 -7.84 13.93
N PRO F 45 -30.00 -7.49 15.09
CA PRO F 45 -30.83 -6.98 16.17
C PRO F 45 -31.35 -5.59 15.85
N PRO F 46 -32.38 -5.15 16.58
CA PRO F 46 -33.01 -3.84 16.39
C PRO F 46 -32.05 -2.67 16.63
N GLY F 47 -32.27 -1.55 15.94
CA GLY F 47 -31.41 -0.39 16.08
C GLY F 47 -29.97 -0.60 15.62
N SER F 48 -29.78 -1.43 14.60
CA SER F 48 -28.43 -1.68 14.11
C SER F 48 -27.96 -0.48 13.30
N GLN F 49 -26.68 -0.16 13.40
CA GLN F 49 -26.07 1.01 12.75
C GLN F 49 -25.28 0.75 11.46
N ALA F 50 -25.29 1.74 10.56
CA ALA F 50 -24.55 1.68 9.30
C ALA F 50 -23.11 1.42 9.66
N GLY F 51 -22.51 0.45 9.00
CA GLY F 51 -21.13 0.09 9.28
C GLY F 51 -21.01 -0.90 10.43
N GLN F 52 -22.12 -1.29 11.04
CA GLN F 52 -22.03 -2.21 12.17
C GLN F 52 -21.54 -3.58 11.76
N ARG F 53 -20.53 -4.06 12.47
CA ARG F 53 -19.91 -5.36 12.21
C ARG F 53 -20.54 -6.51 13.02
N LEU F 54 -21.37 -7.31 12.34
CA LEU F 54 -22.01 -8.47 12.94
C LEU F 54 -21.13 -9.67 12.62
N ARG F 55 -20.81 -10.43 13.67
CA ARG F 55 -19.89 -11.55 13.58
C ARG F 55 -20.53 -12.92 13.36
N ILE F 56 -19.82 -13.80 12.68
CA ILE F 56 -20.25 -15.16 12.39
C ILE F 56 -19.04 -16.06 12.65
N LYS F 57 -18.99 -16.63 13.87
CA LYS F 57 -17.88 -17.48 14.24
C LYS F 57 -17.67 -18.65 13.32
N GLY F 58 -16.38 -18.95 13.13
CA GLY F 58 -15.93 -20.06 12.32
C GLY F 58 -16.12 -20.00 10.82
N LYS F 59 -16.52 -18.85 10.27
CA LYS F 59 -16.75 -18.80 8.81
C LYS F 59 -15.76 -17.97 8.02
N GLY F 60 -14.59 -17.79 8.63
CA GLY F 60 -13.47 -17.11 7.98
C GLY F 60 -12.65 -18.19 7.31
N LEU F 61 -11.36 -17.96 7.13
CA LEU F 61 -10.50 -18.96 6.48
C LEU F 61 -10.12 -20.09 7.42
N VAL F 62 -9.94 -21.29 6.85
CA VAL F 62 -9.50 -22.44 7.63
C VAL F 62 -8.00 -22.52 7.45
N HIS F 66 -5.90 -23.30 12.59
CA HIS F 66 -6.73 -22.15 12.97
C HIS F 66 -7.77 -21.80 11.90
N THR F 67 -9.01 -21.58 12.35
CA THR F 67 -10.11 -21.17 11.46
C THR F 67 -10.67 -19.84 11.96
N GLY F 68 -10.68 -18.84 11.07
CA GLY F 68 -11.15 -17.49 11.40
C GLY F 68 -12.66 -17.31 11.37
N ASP F 69 -13.08 -16.06 11.52
CA ASP F 69 -14.49 -15.69 11.48
C ASP F 69 -14.83 -14.89 10.22
N LEU F 70 -16.14 -14.72 10.05
CA LEU F 70 -16.70 -13.94 8.98
C LEU F 70 -17.48 -12.77 9.59
N PHE F 71 -17.26 -11.56 9.09
CA PHE F 71 -17.98 -10.40 9.57
C PHE F 71 -18.84 -9.78 8.49
N ALA F 72 -20.12 -9.60 8.82
CA ALA F 72 -21.05 -8.94 7.93
C ALA F 72 -21.03 -7.52 8.41
N VAL F 73 -20.68 -6.58 7.51
CA VAL F 73 -20.64 -5.15 7.90
C VAL F 73 -21.84 -4.52 7.22
N ILE F 74 -22.78 -4.01 8.03
CA ILE F 74 -24.01 -3.42 7.51
C ILE F 74 -23.81 -2.20 6.60
N LYS F 75 -24.69 -2.11 5.60
CA LYS F 75 -24.73 -1.00 4.66
C LYS F 75 -26.20 -0.79 4.30
N ILE F 76 -26.77 0.34 4.71
CA ILE F 76 -28.18 0.62 4.48
C ILE F 76 -28.42 1.03 3.03
N VAL F 77 -29.37 0.36 2.36
CA VAL F 77 -29.65 0.62 0.96
C VAL F 77 -31.12 0.99 0.76
N MSE F 78 -31.36 1.79 -0.27
CA MSE F 78 -32.68 2.34 -0.56
C MSE F 78 -33.30 1.88 -1.87
O MSE F 78 -32.58 1.54 -2.82
CB MSE F 78 -32.54 3.85 -0.77
CG MSE F 78 -31.90 4.63 0.34
SE MSE F 78 -33.04 4.69 1.87
CE MSE F 78 -34.67 5.40 1.08
N PRO F 79 -34.64 1.96 -1.97
CA PRO F 79 -35.38 1.67 -3.21
C PRO F 79 -35.35 2.88 -4.18
N THR F 80 -36.20 2.84 -5.21
CA THR F 80 -36.28 3.92 -6.19
C THR F 80 -37.28 4.99 -5.75
N LYS F 81 -37.47 6.00 -6.61
CA LYS F 81 -38.40 7.11 -6.35
C LYS F 81 -39.64 6.53 -5.69
N PRO F 82 -39.94 6.97 -4.47
CA PRO F 82 -41.12 6.42 -3.79
C PRO F 82 -42.45 6.87 -4.39
N ASP F 83 -43.49 6.10 -4.09
CA ASP F 83 -44.85 6.34 -4.57
C ASP F 83 -45.40 7.40 -3.65
N GLU F 84 -46.65 7.79 -3.91
CA GLU F 84 -47.37 8.71 -3.03
C GLU F 84 -47.44 8.01 -1.67
N LYS F 85 -47.94 6.78 -1.69
CA LYS F 85 -48.09 5.95 -0.50
C LYS F 85 -46.81 5.95 0.32
N ALA F 86 -45.71 5.57 -0.32
CA ALA F 86 -44.40 5.52 0.33
C ALA F 86 -43.88 6.88 0.87
N ARG F 87 -44.04 7.99 0.15
CA ARG F 87 -43.52 9.26 0.71
C ARG F 87 -44.33 9.65 1.93
N GLU F 88 -45.64 9.59 1.75
CA GLU F 88 -46.61 9.92 2.78
C GLU F 88 -46.24 9.24 4.12
N LEU F 89 -45.67 8.03 4.03
CA LEU F 89 -45.22 7.29 5.21
C LEU F 89 -43.86 7.78 5.68
N TRP F 90 -42.92 7.98 4.75
CA TRP F 90 -41.57 8.52 5.07
C TRP F 90 -41.66 9.78 5.92
N GLN F 91 -42.54 10.68 5.52
CA GLN F 91 -42.77 11.97 6.21
C GLN F 91 -43.19 11.78 7.66
N GLN F 92 -43.99 10.74 7.91
CA GLN F 92 -44.48 10.45 9.26
C GLN F 92 -43.37 9.89 10.13
N LEU F 93 -42.37 9.27 9.49
CA LEU F 93 -41.25 8.70 10.22
C LEU F 93 -40.23 9.82 10.52
N ALA F 94 -40.02 10.71 9.55
CA ALA F 94 -39.11 11.82 9.77
C ALA F 94 -39.60 12.57 11.01
N ALA F 95 -40.92 12.78 11.12
CA ALA F 95 -41.54 13.45 12.27
C ALA F 95 -41.39 12.62 13.55
N ALA F 96 -41.66 11.33 13.44
CA ALA F 96 -41.52 10.40 14.56
C ALA F 96 -40.08 10.43 15.09
N GLU F 97 -39.11 10.52 14.17
CA GLU F 97 -37.69 10.57 14.49
C GLU F 97 -37.10 11.96 14.25
N ALA F 98 -37.92 13.01 14.35
CA ALA F 98 -37.44 14.38 14.10
C ALA F 98 -36.25 14.79 14.98
N SER F 99 -36.05 14.07 16.09
CA SER F 99 -34.96 14.34 17.04
C SER F 99 -33.65 13.64 16.69
N PHE F 100 -33.56 13.09 15.49
CA PHE F 100 -32.33 12.43 15.05
C PHE F 100 -31.51 13.34 14.15
N ASP F 101 -30.28 13.63 14.59
CA ASP F 101 -29.36 14.49 13.85
C ASP F 101 -28.24 13.67 13.22
N PRO F 102 -28.36 13.39 11.91
CA PRO F 102 -27.28 12.62 11.29
C PRO F 102 -25.97 13.39 11.06
N ARG F 103 -26.07 14.55 10.42
CA ARG F 103 -24.90 15.37 10.14
C ARG F 103 -24.49 16.23 11.31
N LYS F 104 -24.39 15.66 12.51
CA LYS F 104 -23.96 16.47 13.68
C LYS F 104 -22.52 16.93 13.43
N THR F 105 -21.73 16.07 12.75
CA THR F 105 -20.32 16.37 12.39
C THR F 105 -20.11 17.85 11.95
N TRP F 106 -21.15 18.42 11.33
CA TRP F 106 -21.13 19.80 10.82
C TRP F 106 -21.99 20.75 11.69
N HIS G 4 -9.25 32.61 31.60
CA HIS G 4 -10.07 32.51 30.37
C HIS G 4 -11.55 32.29 30.64
N PRO G 5 -12.42 32.70 29.71
CA PRO G 5 -13.86 32.52 29.87
C PRO G 5 -14.23 31.06 29.95
N LEU G 6 -15.10 30.67 30.88
CA LEU G 6 -15.43 29.27 31.00
C LEU G 6 -16.62 28.79 30.20
N PHE G 7 -17.55 29.67 29.88
CA PHE G 7 -18.76 29.18 29.24
C PHE G 7 -18.94 29.60 27.79
N ASP G 8 -19.25 28.63 26.95
CA ASP G 8 -19.50 28.85 25.53
C ASP G 8 -21.02 28.92 25.38
N ILE G 9 -21.49 29.98 24.74
CA ILE G 9 -22.92 30.24 24.55
C ILE G 9 -23.45 29.56 23.29
N VAL G 10 -24.38 28.62 23.48
CA VAL G 10 -25.03 27.89 22.39
C VAL G 10 -26.56 28.06 22.49
N GLY G 11 -27.11 29.01 21.73
CA GLY G 11 -28.53 29.30 21.79
C GLY G 11 -28.81 29.85 23.18
N HIS G 12 -29.64 29.16 23.95
CA HIS G 12 -30.00 29.58 25.31
C HIS G 12 -29.27 28.71 26.31
N ASN G 13 -28.50 27.74 25.81
CA ASN G 13 -27.72 26.85 26.64
C ASN G 13 -26.31 27.35 26.81
N LEU G 14 -25.64 26.84 27.85
CA LEU G 14 -24.25 27.11 28.14
C LEU G 14 -23.48 25.77 28.07
N GLU G 15 -22.21 25.82 27.69
CA GLU G 15 -21.34 24.65 27.59
C GLU G 15 -20.03 24.94 28.31
N ILE G 16 -19.55 24.00 29.10
CA ILE G 16 -18.29 24.18 29.81
C ILE G 16 -17.42 22.93 29.59
N VAL G 17 -16.11 23.07 29.40
CA VAL G 17 -15.25 21.89 29.27
C VAL G 17 -15.05 21.29 30.67
N LEU G 18 -15.26 19.97 30.79
CA LEU G 18 -15.08 19.27 32.07
C LEU G 18 -13.83 18.41 32.00
N PRO G 19 -12.70 18.95 32.45
CA PRO G 19 -11.48 18.15 32.46
C PRO G 19 -11.55 17.09 33.57
N LEU G 20 -11.19 15.85 33.20
CA LEU G 20 -11.18 14.74 34.11
C LEU G 20 -9.91 13.97 33.88
N ALA G 21 -9.36 13.46 34.98
CA ALA G 21 -8.20 12.63 34.92
C ALA G 21 -8.74 11.31 34.41
N PRO G 22 -7.90 10.53 33.73
CA PRO G 22 -8.38 9.25 33.25
C PRO G 22 -9.07 8.44 34.33
N TRP G 23 -8.46 8.34 35.50
CA TRP G 23 -9.09 7.56 36.58
C TRP G 23 -10.49 8.04 36.99
N GLU G 24 -10.77 9.34 36.89
CA GLU G 24 -12.10 9.87 37.22
C GLU G 24 -13.14 9.49 36.16
N ALA G 25 -12.74 9.46 34.90
CA ALA G 25 -13.67 9.05 33.85
C ALA G 25 -13.98 7.56 33.98
N ALA G 26 -13.00 6.76 34.41
CA ALA G 26 -13.21 5.32 34.57
C ALA G 26 -14.03 4.97 35.84
N LEU G 27 -13.61 5.48 37.00
CA LEU G 27 -14.28 5.15 38.22
C LEU G 27 -15.62 5.87 38.32
N GLY G 28 -15.67 7.07 37.77
CA GLY G 28 -16.85 7.94 37.90
C GLY G 28 -16.41 8.86 39.02
N ALA G 29 -17.01 10.03 39.12
CA ALA G 29 -16.59 11.00 40.12
C ALA G 29 -17.73 11.91 40.42
N LYS G 30 -17.63 12.58 41.58
CA LYS G 30 -18.55 13.62 41.95
C LYS G 30 -17.68 14.86 41.87
N VAL G 31 -18.08 15.79 41.03
CA VAL G 31 -17.32 17.00 40.77
C VAL G 31 -18.17 18.24 40.96
N THR G 32 -17.60 19.27 41.61
CA THR G 32 -18.28 20.55 41.80
C THR G 32 -18.05 21.38 40.54
N VAL G 33 -19.14 21.78 39.89
CA VAL G 33 -19.05 22.53 38.65
C VAL G 33 -19.60 23.94 38.82
N PRO G 34 -18.84 24.94 38.40
CA PRO G 34 -19.33 26.32 38.51
C PRO G 34 -20.38 26.58 37.41
N THR G 35 -21.27 27.51 37.69
CA THR G 35 -22.33 27.92 36.81
C THR G 35 -22.32 29.45 36.90
N LEU G 36 -23.33 30.12 36.38
CA LEU G 36 -23.37 31.55 36.51
C LEU G 36 -23.92 31.92 37.87
N LYS G 37 -24.48 30.94 38.58
CA LYS G 37 -25.04 31.18 39.90
C LYS G 37 -24.22 30.38 40.89
N GLU G 38 -24.84 29.44 41.58
CA GLU G 38 -24.12 28.64 42.54
C GLU G 38 -23.47 27.46 41.85
N SER G 39 -22.37 26.96 42.43
CA SER G 39 -21.69 25.78 41.94
C SER G 39 -22.60 24.60 42.24
N ILE G 40 -22.54 23.54 41.43
CA ILE G 40 -23.42 22.40 41.65
C ILE G 40 -22.64 21.09 41.60
N LEU G 41 -23.14 20.07 42.28
CA LEU G 41 -22.46 18.79 42.33
C LEU G 41 -22.95 17.95 41.16
N LEU G 42 -22.00 17.57 40.31
CA LEU G 42 -22.25 16.76 39.14
C LEU G 42 -21.67 15.39 39.35
N THR G 43 -22.48 14.38 39.08
CA THR G 43 -22.06 13.01 39.21
C THR G 43 -21.63 12.49 37.82
N VAL G 44 -20.36 12.12 37.68
CA VAL G 44 -19.84 11.56 36.46
C VAL G 44 -19.93 10.02 36.59
N PRO G 45 -20.76 9.38 35.76
CA PRO G 45 -20.88 7.91 35.89
C PRO G 45 -19.60 7.15 35.53
N PRO G 46 -19.51 5.91 35.97
CA PRO G 46 -18.31 5.16 35.62
C PRO G 46 -18.29 4.82 34.14
N GLY G 47 -17.12 4.54 33.59
CA GLY G 47 -16.98 4.21 32.18
C GLY G 47 -17.27 5.39 31.27
N SER G 48 -17.16 6.60 31.81
CA SER G 48 -17.45 7.77 31.01
C SER G 48 -16.41 7.96 29.92
N GLN G 49 -16.78 8.70 28.88
CA GLN G 49 -15.92 8.82 27.71
C GLN G 49 -15.66 10.25 27.26
N ALA G 50 -14.58 10.39 26.51
CA ALA G 50 -14.22 11.67 25.90
C ALA G 50 -15.39 12.17 25.04
N GLY G 51 -15.71 13.46 25.18
CA GLY G 51 -16.78 14.09 24.45
C GLY G 51 -18.18 13.91 24.99
N GLN G 52 -18.32 13.05 25.99
CA GLN G 52 -19.60 12.81 26.60
C GLN G 52 -20.13 14.13 27.19
N ARG G 53 -21.39 14.44 26.87
CA ARG G 53 -22.06 15.63 27.33
C ARG G 53 -22.99 15.31 28.52
N LEU G 54 -22.70 15.88 29.67
CA LEU G 54 -23.54 15.68 30.85
C LEU G 54 -24.37 16.95 31.05
N ARG G 55 -25.68 16.86 31.18
CA ARG G 55 -26.45 18.10 31.37
C ARG G 55 -26.69 18.45 32.84
N ILE G 56 -26.71 19.75 33.10
CA ILE G 56 -26.99 20.31 34.39
C ILE G 56 -28.23 21.14 34.06
N LYS G 57 -29.39 20.61 34.41
CA LYS G 57 -30.64 21.26 34.08
C LYS G 57 -30.81 22.62 34.70
N GLY G 58 -31.39 23.54 33.92
CA GLY G 58 -31.69 24.88 34.37
C GLY G 58 -30.53 25.83 34.62
N LYS G 59 -29.31 25.45 34.24
CA LYS G 59 -28.15 26.33 34.53
C LYS G 59 -27.60 27.07 33.34
N GLY G 60 -28.40 27.16 32.29
CA GLY G 60 -28.02 27.90 31.12
C GLY G 60 -28.62 29.30 31.22
N LEU G 61 -28.71 29.96 30.08
CA LEU G 61 -29.22 31.30 30.03
C LEU G 61 -30.69 31.34 30.30
N VAL G 62 -31.07 32.45 30.90
CA VAL G 62 -32.44 32.72 31.23
C VAL G 62 -32.84 33.73 30.19
N SER G 63 -33.38 33.26 29.06
CA SER G 63 -33.84 34.19 28.04
C SER G 63 -35.14 34.65 28.65
N LYS G 64 -36.00 35.28 27.87
CA LYS G 64 -37.24 35.78 28.43
C LYS G 64 -38.23 34.66 28.80
N THR G 65 -38.73 33.89 27.84
CA THR G 65 -39.70 32.84 28.15
C THR G 65 -39.15 31.47 28.52
N HIS G 66 -37.82 31.30 28.53
CA HIS G 66 -37.24 29.98 28.79
C HIS G 66 -35.82 30.06 29.34
N THR G 67 -35.50 29.10 30.20
CA THR G 67 -34.19 28.96 30.81
C THR G 67 -33.50 27.70 30.28
N GLY G 68 -32.30 27.88 29.71
CA GLY G 68 -31.56 26.76 29.12
C GLY G 68 -30.86 25.86 30.13
N ASP G 69 -30.03 24.99 29.61
CA ASP G 69 -29.27 24.08 30.43
C ASP G 69 -27.79 24.36 30.24
N LEU G 70 -27.01 23.80 31.15
CA LEU G 70 -25.57 23.85 31.13
C LEU G 70 -25.13 22.40 30.81
N PHE G 71 -24.27 22.25 29.80
CA PHE G 71 -23.73 20.96 29.42
C PHE G 71 -22.23 20.98 29.73
N ALA G 72 -21.77 19.96 30.46
CA ALA G 72 -20.40 19.79 30.88
C ALA G 72 -19.86 18.78 29.88
N VAL G 73 -18.85 19.16 29.12
CA VAL G 73 -18.32 18.30 28.05
C VAL G 73 -16.98 17.70 28.47
N ILE G 74 -16.94 16.38 28.60
CA ILE G 74 -15.74 15.72 29.08
C ILE G 74 -14.50 15.79 28.17
N LYS G 75 -13.39 16.24 28.74
CA LYS G 75 -12.09 16.25 28.07
C LYS G 75 -11.17 15.56 29.07
N ILE G 76 -10.58 14.43 28.67
CA ILE G 76 -9.67 13.67 29.52
C ILE G 76 -8.34 14.38 29.54
N VAL G 77 -7.77 14.60 30.71
CA VAL G 77 -6.49 15.30 30.83
C VAL G 77 -5.50 14.43 31.59
N MSE G 78 -4.26 14.48 31.14
CA MSE G 78 -3.21 13.66 31.73
C MSE G 78 -2.25 14.46 32.61
O MSE G 78 -1.91 15.58 32.29
CB MSE G 78 -2.33 13.09 30.60
CG MSE G 78 -3.02 12.26 29.51
SE MSE G 78 -3.62 10.55 30.19
CE MSE G 78 -1.96 9.76 30.76
N PRO G 79 -1.76 13.86 33.69
CA PRO G 79 -0.73 14.60 34.42
C PRO G 79 0.55 14.67 33.55
N THR G 80 1.59 15.26 34.08
CA THR G 80 2.80 15.39 33.35
C THR G 80 3.56 14.07 33.33
N LYS G 81 4.88 14.12 33.23
CA LYS G 81 5.69 12.89 33.12
C LYS G 81 5.47 12.00 34.34
N PRO G 82 5.11 10.72 34.12
CA PRO G 82 4.86 9.85 35.27
C PRO G 82 6.13 9.31 35.93
N ASP G 83 6.16 9.31 37.25
CA ASP G 83 7.33 8.80 37.98
C ASP G 83 7.33 7.28 38.01
N GLU G 84 8.36 6.72 38.63
CA GLU G 84 8.56 5.27 38.83
C GLU G 84 7.24 4.57 39.17
N LYS G 85 6.70 4.89 40.35
CA LYS G 85 5.47 4.27 40.84
C LYS G 85 4.26 4.38 39.88
N ALA G 86 4.00 5.56 39.35
CA ALA G 86 2.85 5.71 38.45
C ALA G 86 3.02 4.87 37.19
N ARG G 87 4.23 4.79 36.66
CA ARG G 87 4.49 4.02 35.45
C ARG G 87 4.16 2.53 35.63
N GLU G 88 4.52 1.98 36.78
CA GLU G 88 4.18 0.59 37.12
C GLU G 88 2.68 0.35 37.08
N LEU G 89 1.93 1.27 37.69
CA LEU G 89 0.47 1.16 37.71
C LEU G 89 -0.12 1.28 36.30
N TRP G 90 0.42 2.17 35.47
CA TRP G 90 -0.07 2.29 34.11
C TRP G 90 0.22 0.99 33.39
N GLN G 91 1.39 0.43 33.65
CA GLN G 91 1.78 -0.80 33.00
C GLN G 91 0.79 -1.85 33.44
N GLN G 92 0.51 -1.90 34.75
CA GLN G 92 -0.45 -2.88 35.26
C GLN G 92 -1.84 -2.64 34.62
N LEU G 93 -2.23 -1.38 34.40
CA LEU G 93 -3.52 -1.12 33.72
C LEU G 93 -3.52 -1.60 32.26
N ALA G 94 -2.41 -1.45 31.54
CA ALA G 94 -2.37 -1.90 30.14
C ALA G 94 -2.45 -3.43 30.05
N ALA G 95 -1.90 -4.11 31.06
CA ALA G 95 -1.91 -5.56 31.12
C ALA G 95 -3.35 -6.05 31.38
N ALA G 96 -4.02 -5.40 32.33
CA ALA G 96 -5.43 -5.71 32.66
C ALA G 96 -6.37 -5.42 31.48
N GLU G 97 -5.99 -4.45 30.65
CA GLU G 97 -6.74 -4.07 29.46
C GLU G 97 -5.94 -4.41 28.21
N ALA G 98 -5.31 -5.58 28.23
CA ALA G 98 -4.51 -6.04 27.12
C ALA G 98 -5.35 -6.14 25.86
N SER G 99 -6.62 -6.51 25.97
CA SER G 99 -7.47 -6.62 24.78
C SER G 99 -8.20 -5.32 24.36
N PHE G 100 -7.80 -4.19 24.93
CA PHE G 100 -8.41 -2.94 24.50
C PHE G 100 -7.60 -2.37 23.36
N ASP G 101 -8.21 -2.26 22.18
CA ASP G 101 -7.54 -1.68 21.03
C ASP G 101 -8.20 -0.36 20.66
N PRO G 102 -7.61 0.78 21.08
CA PRO G 102 -8.16 2.10 20.77
C PRO G 102 -8.15 2.44 19.26
N ARG G 103 -7.40 1.68 18.47
CA ARG G 103 -7.29 1.89 17.02
C ARG G 103 -7.78 0.64 16.27
N LYS G 104 -8.80 0.02 16.85
CA LYS G 104 -9.51 -1.13 16.32
C LYS G 104 -9.97 -0.73 14.91
N THR G 105 -10.41 0.53 14.81
CA THR G 105 -10.89 1.15 13.58
C THR G 105 -9.79 1.31 12.49
N TRP G 106 -8.58 1.70 12.89
CA TRP G 106 -7.49 1.87 11.89
C TRP G 106 -6.93 0.53 11.44
N LEU H 6 -10.88 11.19 6.76
CA LEU H 6 -9.65 10.93 7.55
C LEU H 6 -8.77 12.20 7.71
N PHE H 7 -8.84 13.17 6.78
CA PHE H 7 -8.02 14.39 6.90
C PHE H 7 -8.73 15.74 6.93
N ASP H 8 -8.39 16.54 7.94
CA ASP H 8 -8.86 17.91 8.03
C ASP H 8 -7.77 18.71 7.29
N ILE H 9 -8.16 19.53 6.31
CA ILE H 9 -7.21 20.29 5.53
C ILE H 9 -7.08 21.68 6.15
N VAL H 10 -5.87 22.06 6.56
CA VAL H 10 -5.63 23.37 7.18
C VAL H 10 -4.46 24.03 6.49
N GLY H 11 -4.77 24.94 5.55
CA GLY H 11 -3.74 25.60 4.76
C GLY H 11 -3.22 24.52 3.83
N HIS H 12 -1.90 24.33 3.83
CA HIS H 12 -1.24 23.27 3.05
C HIS H 12 -1.04 22.05 3.94
N ASN H 13 -1.45 22.16 5.19
CA ASN H 13 -1.29 21.09 6.16
C ASN H 13 -2.50 20.16 6.24
N LEU H 14 -2.24 18.97 6.78
CA LEU H 14 -3.25 17.95 6.96
C LEU H 14 -3.25 17.61 8.42
N GLU H 15 -4.43 17.38 9.00
CA GLU H 15 -4.52 17.00 10.41
C GLU H 15 -5.33 15.74 10.52
N ILE H 16 -4.90 14.86 11.43
CA ILE H 16 -5.58 13.58 11.66
C ILE H 16 -5.80 13.37 13.18
N VAL H 17 -6.98 12.89 13.59
CA VAL H 17 -7.22 12.69 15.02
C VAL H 17 -6.49 11.39 15.40
N LEU H 18 -5.69 11.42 16.48
CA LEU H 18 -4.89 10.25 16.92
C LEU H 18 -5.38 9.66 18.26
N PRO H 19 -6.20 8.59 18.21
CA PRO H 19 -6.77 7.91 19.35
C PRO H 19 -5.74 7.11 20.14
N LEU H 20 -5.61 7.40 21.44
CA LEU H 20 -4.64 6.69 22.29
C LEU H 20 -5.27 6.31 23.60
N ALA H 21 -4.87 5.15 24.12
CA ALA H 21 -5.36 4.69 25.41
C ALA H 21 -4.57 5.56 26.40
N PRO H 22 -5.14 5.86 27.58
CA PRO H 22 -4.38 6.70 28.51
C PRO H 22 -2.98 6.14 28.84
N TRP H 23 -2.85 4.83 28.95
CA TRP H 23 -1.54 4.23 29.24
C TRP H 23 -0.59 4.48 28.08
N GLU H 24 -1.14 4.61 26.87
CA GLU H 24 -0.29 4.92 25.70
C GLU H 24 0.25 6.34 25.78
N ALA H 25 -0.64 7.28 26.08
CA ALA H 25 -0.20 8.66 26.20
C ALA H 25 0.75 8.75 27.37
N ALA H 26 0.43 8.12 28.50
CA ALA H 26 1.32 8.18 29.68
C ALA H 26 2.67 7.51 29.46
N LEU H 27 2.68 6.28 28.96
CA LEU H 27 3.94 5.54 28.77
C LEU H 27 4.72 5.83 27.49
N GLY H 28 4.08 6.44 26.49
CA GLY H 28 4.73 6.69 25.21
C GLY H 28 4.44 5.48 24.36
N ALA H 29 4.43 5.64 23.03
CA ALA H 29 4.15 4.53 22.14
C ALA H 29 4.59 4.80 20.71
N LYS H 30 4.56 3.74 19.89
CA LYS H 30 4.89 3.82 18.47
C LYS H 30 3.65 3.41 17.68
N VAL H 31 3.11 4.32 16.91
CA VAL H 31 1.88 4.09 16.16
C VAL H 31 2.10 4.40 14.69
N THR H 32 1.56 3.56 13.82
CA THR H 32 1.70 3.77 12.40
C THR H 32 0.51 4.62 11.95
N VAL H 33 0.82 5.72 11.28
CA VAL H 33 -0.20 6.62 10.78
C VAL H 33 -0.09 6.76 9.29
N PRO H 34 -1.24 6.85 8.59
CA PRO H 34 -1.27 6.95 7.14
C PRO H 34 -1.08 8.36 6.61
N THR H 35 -0.57 8.44 5.38
CA THR H 35 -0.32 9.71 4.72
C THR H 35 -0.87 9.61 3.33
N LEU H 36 -0.98 10.76 2.66
CA LEU H 36 -1.43 10.76 1.27
C LEU H 36 -0.58 9.77 0.48
N LYS H 37 0.55 9.35 1.07
CA LYS H 37 1.43 8.37 0.46
C LYS H 37 1.68 7.13 1.31
N GLU H 38 2.78 7.11 2.06
CA GLU H 38 3.16 5.96 2.87
C GLU H 38 2.87 6.10 4.34
N SER H 39 2.64 4.97 4.99
CA SER H 39 2.40 4.95 6.42
C SER H 39 3.72 5.25 7.09
N ILE H 40 3.67 6.01 8.19
CA ILE H 40 4.85 6.39 8.94
C ILE H 40 4.68 5.99 10.40
N LEU H 41 5.77 5.51 10.98
CA LEU H 41 5.79 5.09 12.37
C LEU H 41 5.96 6.34 13.20
N LEU H 42 4.87 6.80 13.80
CA LEU H 42 4.87 8.01 14.62
C LEU H 42 5.06 7.65 16.07
N THR H 43 6.07 8.21 16.71
CA THR H 43 6.29 7.91 18.11
C THR H 43 5.61 8.98 18.97
N VAL H 44 4.90 8.50 19.99
CA VAL H 44 4.24 9.35 20.96
C VAL H 44 5.16 9.33 22.17
N PRO H 45 5.69 10.49 22.59
CA PRO H 45 6.59 10.48 23.73
C PRO H 45 5.87 10.26 25.07
N PRO H 46 6.60 9.77 26.07
CA PRO H 46 5.92 9.60 27.37
C PRO H 46 5.41 10.94 27.88
N GLY H 47 4.30 10.93 28.59
CA GLY H 47 3.73 12.14 29.17
C GLY H 47 2.94 12.97 28.19
N SER H 48 2.50 12.34 27.10
CA SER H 48 1.74 13.05 26.07
C SER H 48 0.41 13.54 26.65
N GLN H 49 -0.09 14.65 26.12
CA GLN H 49 -1.29 15.27 26.63
C GLN H 49 -2.46 15.21 25.69
N ALA H 50 -3.58 15.65 26.20
CA ALA H 50 -4.83 15.71 25.47
C ALA H 50 -4.67 16.87 24.53
N GLY H 51 -5.05 16.71 23.26
CA GLY H 51 -4.99 17.77 22.25
C GLY H 51 -3.62 18.07 21.65
N GLN H 52 -2.59 17.37 22.13
CA GLN H 52 -1.25 17.59 21.66
C GLN H 52 -1.20 17.33 20.18
N ARG H 53 -0.48 18.21 19.48
CA ARG H 53 -0.29 18.14 18.04
C ARG H 53 1.09 17.58 17.69
N LEU H 54 1.16 16.32 17.32
CA LEU H 54 2.43 15.69 16.97
C LEU H 54 2.61 15.89 15.48
N ARG H 55 3.73 16.45 15.07
CA ARG H 55 3.91 16.65 13.65
C ARG H 55 4.82 15.63 12.95
N ILE H 56 4.50 15.43 11.68
CA ILE H 56 5.26 14.58 10.81
C ILE H 56 5.57 15.55 9.66
N LYS H 57 6.78 16.10 9.71
CA LYS H 57 7.23 17.11 8.75
C LYS H 57 7.13 16.65 7.31
N GLY H 58 6.70 17.56 6.44
CA GLY H 58 6.59 17.30 5.01
C GLY H 58 5.51 16.37 4.49
N LYS H 59 4.61 15.92 5.36
CA LYS H 59 3.58 14.99 4.89
C LYS H 59 2.19 15.62 4.71
N GLY H 60 2.17 16.91 4.38
CA GLY H 60 0.94 17.64 4.14
C GLY H 60 0.68 17.69 2.65
N LEU H 61 0.17 18.82 2.18
CA LEU H 61 -0.12 18.98 0.77
C LEU H 61 1.07 19.62 0.08
N VAL H 62 1.41 19.10 -1.09
CA VAL H 62 2.52 19.60 -1.87
C VAL H 62 2.00 20.42 -3.05
N THR H 65 5.85 24.43 -5.49
CA THR H 65 5.75 25.72 -4.81
C THR H 65 5.97 25.62 -3.28
N HIS H 66 5.43 24.57 -2.65
CA HIS H 66 5.58 24.32 -1.20
C HIS H 66 4.92 23.02 -0.78
N THR H 67 5.54 22.36 0.21
CA THR H 67 5.03 21.10 0.76
C THR H 67 4.74 21.22 2.27
N GLY H 68 3.47 21.09 2.63
CA GLY H 68 3.00 21.23 4.02
C GLY H 68 3.33 20.05 4.93
N ASP H 69 2.66 20.00 6.09
CA ASP H 69 2.89 18.96 7.09
C ASP H 69 1.63 18.21 7.54
N LEU H 70 1.85 17.11 8.24
CA LEU H 70 0.75 16.33 8.79
C LEU H 70 0.84 16.47 10.30
N PHE H 71 -0.31 16.62 10.93
CA PHE H 71 -0.38 16.74 12.37
C PHE H 71 -1.35 15.70 12.92
N ALA H 72 -0.83 14.88 13.84
CA ALA H 72 -1.62 13.87 14.49
C ALA H 72 -1.96 14.52 15.83
N VAL H 73 -3.24 14.81 16.02
CA VAL H 73 -3.72 15.48 17.23
C VAL H 73 -4.26 14.43 18.16
N ILE H 74 -3.63 14.30 19.32
CA ILE H 74 -4.01 13.31 20.33
C ILE H 74 -5.41 13.45 20.94
N LYS H 75 -6.13 12.33 20.96
CA LYS H 75 -7.44 12.25 21.58
C LYS H 75 -7.35 11.00 22.46
N ILE H 76 -7.55 11.18 23.75
CA ILE H 76 -7.47 10.07 24.68
C ILE H 76 -8.77 9.27 24.69
N VAL H 77 -8.68 8.00 24.28
CA VAL H 77 -9.84 7.12 24.26
C VAL H 77 -9.84 6.21 25.52
N MSE H 78 -11.03 5.94 26.06
CA MSE H 78 -11.15 5.11 27.25
C MSE H 78 -11.90 3.82 26.93
O MSE H 78 -12.79 3.78 26.09
CB MSE H 78 -11.98 5.84 28.30
CG MSE H 78 -11.44 7.17 28.73
SE MSE H 78 -9.87 7.06 29.88
CE MSE H 78 -10.67 6.11 31.37
N PRO H 79 -11.56 2.73 27.65
CA PRO H 79 -12.28 1.50 27.47
C PRO H 79 -13.57 1.54 28.29
N THR H 80 -14.29 0.43 28.25
CA THR H 80 -15.52 0.16 29.00
C THR H 80 -15.38 0.32 30.51
N LYS H 81 -16.49 0.44 31.23
CA LYS H 81 -16.40 0.56 32.69
C LYS H 81 -15.48 -0.54 33.19
N PRO H 82 -14.57 -0.21 34.10
CA PRO H 82 -13.66 -1.20 34.66
C PRO H 82 -14.28 -2.17 35.69
N ASP H 83 -13.74 -3.38 35.75
N ASP H 83 -13.75 -3.39 35.75
CA ASP H 83 -14.18 -4.40 36.70
CA ASP H 83 -14.21 -4.42 36.70
C ASP H 83 -13.44 -4.20 38.04
C ASP H 83 -13.47 -4.20 38.04
N GLU H 84 -13.72 -5.08 39.01
CA GLU H 84 -13.07 -4.98 40.34
C GLU H 84 -11.56 -4.81 40.21
N LYS H 85 -10.95 -5.72 39.49
CA LYS H 85 -9.53 -5.66 39.27
C LYS H 85 -9.12 -4.29 38.75
N ALA H 86 -9.73 -3.87 37.64
CA ALA H 86 -9.39 -2.57 37.04
C ALA H 86 -9.70 -1.39 37.99
N ARG H 87 -10.78 -1.46 38.74
CA ARG H 87 -11.10 -0.39 39.69
C ARG H 87 -10.03 -0.23 40.78
N GLU H 88 -9.46 -1.35 41.25
CA GLU H 88 -8.37 -1.33 42.24
C GLU H 88 -7.16 -0.62 41.64
N LEU H 89 -6.77 -1.02 40.44
CA LEU H 89 -5.63 -0.37 39.77
C LEU H 89 -5.86 1.11 39.57
N TRP H 90 -7.06 1.48 39.13
CA TRP H 90 -7.38 2.91 38.93
C TRP H 90 -7.34 3.70 40.23
N GLN H 91 -7.79 3.10 41.33
CA GLN H 91 -7.72 3.82 42.59
C GLN H 91 -6.24 3.94 43.01
N GLN H 92 -5.43 2.93 42.76
CA GLN H 92 -4.02 3.07 43.12
C GLN H 92 -3.42 4.14 42.27
N LEU H 93 -3.82 4.22 41.00
CA LEU H 93 -3.27 5.25 40.13
C LEU H 93 -3.70 6.61 40.69
N ALA H 94 -4.98 6.74 41.02
CA ALA H 94 -5.49 7.99 41.59
C ALA H 94 -4.69 8.37 42.83
N ALA H 95 -4.29 7.41 43.66
CA ALA H 95 -3.52 7.72 44.88
C ALA H 95 -2.11 8.16 44.53
N ALA H 96 -1.43 7.38 43.69
CA ALA H 96 -0.06 7.69 43.29
C ALA H 96 0.03 9.09 42.69
N GLU H 97 -0.97 9.50 41.91
CA GLU H 97 -1.03 10.81 41.25
C GLU H 97 -2.03 11.79 41.93
N ALA H 98 -2.20 11.66 43.24
CA ALA H 98 -3.12 12.52 43.98
C ALA H 98 -2.81 14.02 43.88
N SER H 99 -1.55 14.38 43.65
CA SER H 99 -1.24 15.80 43.53
C SER H 99 -1.68 16.40 42.19
N PHE H 100 -2.19 15.58 41.28
CA PHE H 100 -2.63 16.10 39.98
C PHE H 100 -4.02 16.73 40.09
N ASP H 101 -4.12 17.96 39.63
CA ASP H 101 -5.39 18.67 39.67
C ASP H 101 -5.82 19.05 38.27
N PRO H 102 -6.67 18.21 37.66
CA PRO H 102 -7.19 18.47 36.32
C PRO H 102 -8.04 19.75 36.22
N ARG H 103 -8.60 20.21 37.34
CA ARG H 103 -9.47 21.38 37.36
C ARG H 103 -8.88 22.63 38.05
N LYS H 104 -7.57 22.75 37.99
CA LYS H 104 -6.84 23.89 38.56
C LYS H 104 -7.48 25.18 38.06
N THR H 105 -7.70 25.25 36.75
CA THR H 105 -8.28 26.41 36.07
C THR H 105 -9.51 27.02 36.77
N TRP H 106 -10.30 26.18 37.44
CA TRP H 106 -11.46 26.68 38.17
C TRP H 106 -11.01 27.27 39.52
N PRO I 5 32.69 -25.95 -25.30
CA PRO I 5 32.91 -24.70 -24.52
C PRO I 5 32.91 -23.46 -25.43
N LEU I 6 31.81 -22.73 -25.39
CA LEU I 6 31.61 -21.54 -26.19
C LEU I 6 32.55 -20.44 -25.71
N PHE I 7 32.66 -19.38 -26.51
CA PHE I 7 33.57 -18.26 -26.21
C PHE I 7 32.91 -16.92 -25.90
N ASP I 8 33.62 -16.13 -25.11
CA ASP I 8 33.22 -14.77 -24.81
C ASP I 8 34.20 -13.97 -25.66
N ILE I 9 33.70 -13.07 -26.50
CA ILE I 9 34.57 -12.32 -27.40
C ILE I 9 34.84 -10.91 -26.86
N VAL I 10 36.13 -10.65 -26.56
CA VAL I 10 36.59 -9.36 -26.03
C VAL I 10 37.57 -8.75 -27.03
N GLY I 11 37.06 -7.88 -27.88
CA GLY I 11 37.87 -7.27 -28.92
C GLY I 11 38.30 -8.40 -29.84
N HIS I 12 39.61 -8.52 -30.07
CA HIS I 12 40.16 -9.58 -30.93
C HIS I 12 40.57 -10.81 -30.10
N ASN I 13 40.27 -10.78 -28.79
CA ASN I 13 40.57 -11.87 -27.86
C ASN I 13 39.34 -12.75 -27.55
N LEU I 14 39.58 -13.97 -27.10
CA LEU I 14 38.52 -14.91 -26.76
C LEU I 14 38.72 -15.52 -25.39
N GLU I 15 37.66 -15.57 -24.59
CA GLU I 15 37.73 -16.13 -23.25
C GLU I 15 36.85 -17.38 -23.09
N ILE I 16 37.31 -18.32 -22.30
CA ILE I 16 36.59 -19.55 -22.02
C ILE I 16 36.72 -19.84 -20.53
N VAL I 17 35.65 -20.35 -19.92
CA VAL I 17 35.63 -20.67 -18.53
C VAL I 17 36.28 -22.00 -18.37
N LEU I 18 37.42 -22.05 -17.70
CA LEU I 18 38.12 -23.31 -17.50
C LEU I 18 37.79 -23.85 -16.11
N PRO I 19 36.84 -24.78 -16.03
CA PRO I 19 36.52 -25.30 -14.72
C PRO I 19 37.53 -26.33 -14.27
N LEU I 20 37.98 -26.22 -13.02
CA LEU I 20 38.94 -27.15 -12.44
C LEU I 20 38.45 -27.59 -11.09
N ALA I 21 38.78 -28.84 -10.74
CA ALA I 21 38.43 -29.39 -9.44
C ALA I 21 39.29 -28.57 -8.46
N PRO I 22 38.90 -28.51 -7.17
CA PRO I 22 39.73 -27.67 -6.27
C PRO I 22 41.21 -28.04 -6.31
N TRP I 23 41.51 -29.31 -6.04
CA TRP I 23 42.88 -29.84 -6.04
C TRP I 23 43.60 -29.70 -7.38
N GLU I 24 42.85 -29.37 -8.41
CA GLU I 24 43.43 -29.26 -9.72
C GLU I 24 44.18 -27.91 -9.80
N ALA I 25 43.68 -26.90 -9.10
CA ALA I 25 44.33 -25.59 -9.02
C ALA I 25 45.48 -25.63 -7.99
N ALA I 26 45.25 -26.36 -6.90
CA ALA I 26 46.25 -26.49 -5.85
C ALA I 26 47.51 -27.12 -6.42
N LEU I 27 47.37 -28.35 -6.87
CA LEU I 27 48.47 -29.13 -7.43
C LEU I 27 48.87 -28.71 -8.83
N GLY I 28 47.92 -28.18 -9.60
CA GLY I 28 48.15 -27.78 -10.98
C GLY I 28 47.75 -28.93 -11.91
N ALA I 29 47.90 -28.75 -13.22
CA ALA I 29 47.55 -29.84 -14.15
C ALA I 29 47.56 -29.48 -15.63
N LYS I 30 47.56 -30.52 -16.45
CA LYS I 30 47.48 -30.41 -17.91
C LYS I 30 46.04 -30.70 -18.30
N VAL I 31 45.39 -29.71 -18.91
CA VAL I 31 44.00 -29.84 -19.30
C VAL I 31 43.83 -29.67 -20.80
N THR I 32 43.10 -30.58 -21.44
CA THR I 32 42.82 -30.44 -22.87
C THR I 32 41.80 -29.31 -22.97
N VAL I 33 42.15 -28.29 -23.74
CA VAL I 33 41.29 -27.13 -23.88
C VAL I 33 40.97 -26.95 -25.34
N PRO I 34 39.72 -27.25 -25.74
CA PRO I 34 39.30 -27.01 -27.13
C PRO I 34 39.46 -25.52 -27.48
N THR I 35 39.49 -25.18 -28.77
CA THR I 35 39.70 -23.79 -29.19
C THR I 35 38.79 -23.39 -30.36
N LYS I 37 40.12 -24.19 -33.83
CA LYS I 37 41.11 -25.09 -34.40
C LYS I 37 41.31 -26.33 -33.52
N GLU I 38 42.56 -26.72 -33.28
CA GLU I 38 42.84 -27.90 -32.48
C GLU I 38 42.62 -27.62 -31.00
N SER I 39 42.60 -28.68 -30.21
CA SER I 39 42.46 -28.58 -28.77
C SER I 39 43.86 -28.50 -28.20
N ILE I 40 44.14 -27.44 -27.45
CA ILE I 40 45.46 -27.22 -26.83
C ILE I 40 45.65 -28.00 -25.54
N LEU I 41 46.91 -28.30 -25.20
CA LEU I 41 47.26 -29.04 -23.97
C LEU I 41 47.65 -28.07 -22.84
N LEU I 42 46.75 -27.13 -22.54
CA LEU I 42 46.98 -26.11 -21.49
C LEU I 42 47.52 -26.61 -20.14
N THR I 43 48.46 -25.86 -19.58
CA THR I 43 49.08 -26.18 -18.29
C THR I 43 48.65 -25.19 -17.21
N VAL I 44 48.07 -25.72 -16.12
CA VAL I 44 47.62 -24.91 -15.00
C VAL I 44 48.68 -25.02 -13.90
N PRO I 45 49.50 -23.96 -13.71
CA PRO I 45 50.56 -24.00 -12.72
C PRO I 45 50.09 -24.33 -11.32
N PRO I 46 50.97 -24.94 -10.51
CA PRO I 46 50.57 -25.26 -9.15
C PRO I 46 50.21 -24.01 -8.35
N GLY I 47 49.12 -24.07 -7.59
CA GLY I 47 48.68 -22.95 -6.77
C GLY I 47 48.00 -21.87 -7.58
N SER I 48 47.25 -22.24 -8.60
CA SER I 48 46.54 -21.27 -9.42
C SER I 48 45.25 -20.85 -8.71
N GLN I 49 44.81 -19.62 -8.93
CA GLN I 49 43.64 -19.06 -8.24
C GLN I 49 42.33 -18.98 -9.02
N ALA I 50 41.24 -18.81 -8.26
CA ALA I 50 39.91 -18.60 -8.83
C ALA I 50 39.96 -17.29 -9.60
N GLY I 51 39.48 -17.32 -10.84
CA GLY I 51 39.48 -16.13 -11.68
C GLY I 51 40.77 -15.84 -12.43
N GLN I 52 41.80 -16.65 -12.21
CA GLN I 52 43.11 -16.45 -12.86
C GLN I 52 42.99 -16.66 -14.37
N ARG I 53 43.55 -15.71 -15.12
CA ARG I 53 43.50 -15.72 -16.58
C ARG I 53 44.77 -16.29 -17.22
N LEU I 54 44.68 -17.50 -17.75
CA LEU I 54 45.82 -18.17 -18.37
C LEU I 54 45.92 -17.79 -19.85
N ARG I 55 47.05 -17.24 -20.29
CA ARG I 55 47.16 -16.77 -21.67
C ARG I 55 47.77 -17.72 -22.70
N ILE I 56 47.00 -17.96 -23.75
CA ILE I 56 47.40 -18.80 -24.87
C ILE I 56 47.51 -17.88 -26.08
N LYS I 57 48.74 -17.44 -26.38
CA LYS I 57 48.99 -16.50 -27.50
C LYS I 57 48.57 -17.03 -28.87
N GLY I 58 48.23 -16.11 -29.76
CA GLY I 58 47.84 -16.45 -31.13
C GLY I 58 46.46 -17.05 -31.29
N LYS I 59 46.03 -17.90 -30.35
CA LYS I 59 44.73 -18.56 -30.43
C LYS I 59 43.52 -17.68 -30.13
N GLY I 60 43.47 -16.48 -30.73
CA GLY I 60 42.34 -15.55 -30.56
C GLY I 60 41.69 -15.37 -31.91
N LEU I 61 40.97 -14.27 -32.13
CA LEU I 61 40.33 -14.09 -33.44
C LEU I 61 41.38 -13.81 -34.49
N THR I 67 45.93 -9.93 -35.06
CA THR I 67 45.24 -11.15 -34.66
C THR I 67 45.50 -11.47 -33.19
N GLY I 68 44.44 -11.47 -32.38
CA GLY I 68 44.52 -11.69 -30.93
C GLY I 68 44.93 -13.04 -30.38
N ASP I 69 44.55 -13.28 -29.13
CA ASP I 69 44.87 -14.52 -28.41
C ASP I 69 43.74 -15.01 -27.48
N LEU I 70 43.89 -16.21 -26.91
CA LEU I 70 42.89 -16.83 -26.03
C LEU I 70 43.25 -16.84 -24.55
N PHE I 71 42.23 -16.68 -23.70
CA PHE I 71 42.37 -16.67 -22.24
C PHE I 71 41.41 -17.64 -21.57
N ALA I 72 41.95 -18.55 -20.77
CA ALA I 72 41.12 -19.47 -19.99
C ALA I 72 41.02 -18.89 -18.57
N VAL I 73 39.80 -18.65 -18.10
CA VAL I 73 39.57 -18.05 -16.80
C VAL I 73 39.11 -19.11 -15.81
N ILE I 74 40.02 -19.52 -14.93
CA ILE I 74 39.73 -20.58 -13.97
C ILE I 74 38.45 -20.34 -13.16
N LYS I 75 37.71 -21.43 -12.92
CA LYS I 75 36.49 -21.42 -12.14
C LYS I 75 36.49 -22.69 -11.33
N ILE I 76 36.59 -22.60 -10.02
CA ILE I 76 36.65 -23.81 -9.20
C ILE I 76 35.26 -24.43 -9.10
N VAL I 77 35.14 -25.69 -9.48
CA VAL I 77 33.87 -26.41 -9.45
C VAL I 77 34.00 -27.57 -8.48
N MSE I 78 32.90 -27.85 -7.76
CA MSE I 78 32.88 -28.86 -6.71
C MSE I 78 32.18 -30.18 -7.01
O MSE I 78 31.14 -30.19 -7.64
CB MSE I 78 32.15 -28.29 -5.49
CG MSE I 78 32.74 -27.03 -4.93
SE MSE I 78 34.52 -27.26 -4.16
CE MSE I 78 34.03 -28.55 -2.76
N PRO I 79 32.74 -31.29 -6.48
CA PRO I 79 32.08 -32.56 -6.67
C PRO I 79 30.79 -32.56 -5.86
N THR I 80 30.10 -33.69 -5.83
CA THR I 80 28.86 -33.81 -5.07
C THR I 80 29.22 -33.96 -3.59
N LYS I 81 28.20 -34.17 -2.75
CA LYS I 81 28.42 -34.28 -1.31
C LYS I 81 29.56 -35.27 -1.04
N PRO I 82 30.55 -34.85 -0.22
CA PRO I 82 31.64 -35.75 0.07
C PRO I 82 31.25 -36.74 1.18
N ASP I 83 31.69 -37.99 1.04
CA ASP I 83 31.40 -39.04 2.04
C ASP I 83 32.29 -38.86 3.26
N GLU I 84 32.19 -39.81 4.20
CA GLU I 84 32.95 -39.72 5.44
C GLU I 84 34.49 -39.70 5.26
N LYS I 85 35.00 -40.37 4.22
CA LYS I 85 36.44 -40.39 3.96
C LYS I 85 36.95 -39.07 3.34
N ALA I 86 36.19 -38.50 2.41
CA ALA I 86 36.58 -37.25 1.77
C ALA I 86 36.47 -36.13 2.80
N ARG I 87 35.35 -36.13 3.52
CA ARG I 87 35.05 -35.15 4.57
C ARG I 87 36.20 -35.09 5.58
N GLU I 88 36.74 -36.25 5.90
CA GLU I 88 37.86 -36.37 6.83
C GLU I 88 39.06 -35.60 6.22
N LEU I 89 39.28 -35.77 4.91
CA LEU I 89 40.39 -35.09 4.23
C LEU I 89 40.21 -33.57 4.20
N TRP I 90 38.99 -33.10 3.94
CA TRP I 90 38.73 -31.66 3.95
C TRP I 90 39.18 -31.10 5.31
N GLN I 91 38.78 -31.75 6.39
CA GLN I 91 39.25 -31.36 7.73
C GLN I 91 40.75 -31.18 7.83
N GLN I 92 41.52 -32.17 7.38
CA GLN I 92 42.97 -32.07 7.45
C GLN I 92 43.44 -30.81 6.69
N LEU I 93 42.88 -30.59 5.50
CA LEU I 93 43.22 -29.44 4.66
C LEU I 93 42.74 -28.11 5.29
N ALA I 94 41.57 -28.12 5.94
CA ALA I 94 41.05 -26.92 6.60
C ALA I 94 42.00 -26.51 7.74
N ALA I 95 42.62 -27.51 8.40
CA ALA I 95 43.56 -27.29 9.51
C ALA I 95 44.97 -26.99 9.00
N ALA I 96 45.37 -27.58 7.87
CA ALA I 96 46.70 -27.28 7.31
C ALA I 96 46.71 -25.83 6.81
N GLU I 97 45.56 -25.42 6.26
CA GLU I 97 45.33 -24.06 5.74
C GLU I 97 44.42 -23.26 6.69
N ALA I 98 44.64 -23.39 8.00
CA ALA I 98 43.83 -22.73 9.02
C ALA I 98 43.86 -21.20 9.03
N SER I 99 44.99 -20.58 8.65
CA SER I 99 45.09 -19.10 8.65
C SER I 99 44.72 -18.44 7.30
N PHE I 100 43.77 -19.03 6.59
CA PHE I 100 43.30 -18.52 5.30
C PHE I 100 41.93 -17.85 5.45
N ASP I 101 41.88 -16.57 5.10
CA ASP I 101 40.66 -15.80 5.19
C ASP I 101 40.11 -15.51 3.78
N PRO I 102 39.11 -16.30 3.35
CA PRO I 102 38.50 -16.09 2.05
C PRO I 102 37.67 -14.80 2.01
N ARG I 103 37.08 -14.46 3.16
CA ARG I 103 36.27 -13.25 3.31
C ARG I 103 37.03 -12.11 3.97
N LYS I 104 38.23 -11.89 3.46
CA LYS I 104 39.13 -10.84 3.92
C LYS I 104 38.46 -9.47 3.65
N THR I 105 38.12 -9.23 2.38
CA THR I 105 37.47 -7.98 1.94
C THR I 105 36.40 -7.49 2.91
N TRP I 106 35.60 -8.40 3.44
CA TRP I 106 34.59 -7.97 4.41
C TRP I 106 35.26 -7.82 5.77
N HIS J 4 34.28 -1.86 -4.91
CA HIS J 4 33.90 -1.94 -3.46
C HIS J 4 32.42 -2.29 -3.21
N PRO J 5 31.49 -1.94 -4.15
CA PRO J 5 30.09 -2.31 -3.93
C PRO J 5 29.92 -3.80 -3.89
N LEU J 6 29.15 -4.25 -2.93
CA LEU J 6 28.95 -5.67 -2.72
C LEU J 6 27.72 -6.20 -3.39
N PHE J 7 26.74 -5.36 -3.73
CA PHE J 7 25.46 -5.85 -4.27
C PHE J 7 25.08 -5.46 -5.68
N ASP J 8 24.53 -6.41 -6.41
CA ASP J 8 24.04 -6.16 -7.76
C ASP J 8 22.55 -5.98 -7.51
N ILE J 9 21.94 -5.10 -8.28
CA ILE J 9 20.54 -4.78 -8.13
C ILE J 9 19.81 -5.49 -9.24
N VAL J 10 19.13 -6.57 -8.89
CA VAL J 10 18.34 -7.33 -9.86
C VAL J 10 16.87 -7.22 -9.41
N GLY J 11 16.15 -6.30 -10.06
CA GLY J 11 14.75 -6.06 -9.74
C GLY J 11 14.68 -5.49 -8.36
N HIS J 12 13.87 -6.07 -7.48
CA HIS J 12 13.79 -5.61 -6.10
C HIS J 12 14.79 -6.40 -5.26
N ASN J 13 15.43 -7.38 -5.90
CA ASN J 13 16.41 -8.22 -5.22
C ASN J 13 17.87 -7.80 -5.35
N LEU J 14 18.66 -8.22 -4.37
CA LEU J 14 20.06 -7.93 -4.35
C LEU J 14 20.77 -9.25 -4.53
N GLU J 15 21.99 -9.21 -5.03
CA GLU J 15 22.80 -10.40 -5.23
C GLU J 15 24.20 -10.09 -4.75
N ILE J 16 24.84 -11.04 -4.07
CA ILE J 16 26.22 -10.85 -3.62
C ILE J 16 27.06 -12.11 -3.85
N VAL J 17 28.32 -11.94 -4.26
CA VAL J 17 29.22 -13.09 -4.44
C VAL J 17 29.65 -13.50 -3.03
N LEU J 18 29.42 -14.77 -2.68
CA LEU J 18 29.78 -15.36 -1.35
C LEU J 18 31.03 -16.21 -1.51
N PRO J 19 32.22 -15.64 -1.22
CA PRO J 19 33.42 -16.46 -1.39
C PRO J 19 33.57 -17.53 -0.32
N LEU J 20 33.91 -18.75 -0.76
CA LEU J 20 34.12 -19.86 0.11
C LEU J 20 35.37 -20.63 -0.31
N ALA J 21 35.96 -21.28 0.68
CA ALA J 21 37.13 -22.13 0.49
C ALA J 21 36.54 -23.47 0.08
N PRO J 22 37.31 -24.30 -0.65
CA PRO J 22 36.74 -25.57 -1.08
C PRO J 22 36.14 -26.41 0.04
N TRP J 23 36.83 -26.49 1.18
CA TRP J 23 36.34 -27.29 2.33
C TRP J 23 35.02 -26.78 2.92
N GLU J 24 34.87 -25.47 2.95
CA GLU J 24 33.64 -24.81 3.40
C GLU J 24 32.46 -25.24 2.51
N ALA J 25 32.68 -25.20 1.20
CA ALA J 25 31.66 -25.64 0.26
C ALA J 25 31.37 -27.13 0.49
N ALA J 26 32.41 -27.94 0.35
CA ALA J 26 32.31 -29.40 0.45
C ALA J 26 31.73 -29.87 1.77
N LEU J 27 32.13 -29.24 2.87
CA LEU J 27 31.61 -29.64 4.19
C LEU J 27 30.38 -28.84 4.61
N GLY J 28 30.25 -27.62 4.08
CA GLY J 28 29.16 -26.71 4.48
C GLY J 28 29.63 -25.96 5.72
N ALA J 29 29.07 -24.80 6.01
CA ALA J 29 29.47 -24.02 7.19
C ALA J 29 28.62 -22.79 7.45
N LYS J 30 28.76 -22.21 8.64
CA LYS J 30 28.06 -20.97 9.02
C LYS J 30 28.96 -19.78 8.67
N VAL J 31 28.51 -18.91 7.77
CA VAL J 31 29.31 -17.74 7.38
C VAL J 31 28.52 -16.45 7.57
N THR J 32 29.23 -15.42 8.04
CA THR J 32 28.64 -14.12 8.25
C THR J 32 28.58 -13.48 6.88
N VAL J 33 27.45 -12.85 6.56
CA VAL J 33 27.29 -12.19 5.27
C VAL J 33 26.75 -10.77 5.44
N PRO J 34 27.39 -9.79 4.79
CA PRO J 34 26.89 -8.42 4.95
C PRO J 34 25.60 -8.18 4.15
N THR J 35 24.79 -7.24 4.63
CA THR J 35 23.54 -6.87 3.98
C THR J 35 23.49 -5.34 3.99
N LEU J 36 22.41 -4.73 3.52
CA LEU J 36 22.33 -3.27 3.56
C LEU J 36 22.30 -2.82 5.02
N LYS J 37 21.69 -3.64 5.86
CA LYS J 37 21.59 -3.39 7.30
C LYS J 37 22.73 -4.09 8.02
N GLU J 38 22.44 -4.99 8.95
CA GLU J 38 23.48 -5.71 9.69
C GLU J 38 23.81 -7.05 9.03
N SER J 39 25.05 -7.48 9.23
CA SER J 39 25.48 -8.73 8.66
C SER J 39 24.65 -9.89 9.20
N ILE J 40 24.31 -10.84 8.33
CA ILE J 40 23.55 -12.04 8.73
C ILE J 40 24.34 -13.31 8.52
N LEU J 41 24.27 -14.16 9.55
CA LEU J 41 24.93 -15.46 9.60
C LEU J 41 24.15 -16.43 8.73
N LEU J 42 24.78 -16.90 7.67
CA LEU J 42 24.13 -17.81 6.76
C LEU J 42 24.68 -19.22 6.92
N THR J 43 23.82 -20.21 6.60
CA THR J 43 24.20 -21.61 6.62
C THR J 43 24.32 -22.22 5.21
N VAL J 44 25.56 -22.50 4.81
CA VAL J 44 25.88 -23.11 3.53
C VAL J 44 25.79 -24.63 3.71
N PRO J 45 24.82 -25.29 3.04
CA PRO J 45 24.72 -26.76 3.21
C PRO J 45 25.94 -27.55 2.67
N PRO J 46 26.25 -28.71 3.27
CA PRO J 46 27.38 -29.52 2.80
C PRO J 46 27.26 -29.87 1.31
N GLY J 47 28.38 -29.82 0.59
CA GLY J 47 28.42 -30.16 -0.83
C GLY J 47 27.89 -29.09 -1.78
N SER J 48 27.84 -27.85 -1.30
CA SER J 48 27.36 -26.74 -2.11
C SER J 48 28.13 -26.57 -3.43
N GLN J 49 27.40 -26.10 -4.45
CA GLN J 49 27.95 -25.95 -5.80
C GLN J 49 28.41 -24.56 -6.16
N ALA J 50 29.29 -24.49 -7.15
CA ALA J 50 29.76 -23.24 -7.68
C ALA J 50 28.52 -22.67 -8.35
N GLY J 51 28.29 -21.37 -8.18
CA GLY J 51 27.13 -20.72 -8.77
C GLY J 51 25.83 -20.90 -8.05
N GLN J 52 25.81 -21.80 -7.07
CA GLN J 52 24.60 -22.08 -6.30
C GLN J 52 24.13 -20.78 -5.64
N ARG J 53 22.83 -20.54 -5.72
CA ARG J 53 22.21 -19.34 -5.19
C ARG J 53 21.45 -19.59 -3.91
N LEU J 54 22.04 -19.15 -2.80
CA LEU J 54 21.46 -19.30 -1.47
C LEU J 54 20.70 -18.03 -1.13
N ARG J 55 19.41 -18.21 -0.93
CA ARG J 55 18.50 -17.14 -0.63
C ARG J 55 18.53 -16.64 0.82
N ILE J 56 18.41 -15.32 1.00
CA ILE J 56 18.37 -14.69 2.31
C ILE J 56 17.18 -13.76 2.24
N LYS J 57 16.02 -14.30 2.60
CA LYS J 57 14.75 -13.59 2.53
C LYS J 57 14.70 -12.23 3.22
N GLY J 58 13.92 -11.33 2.65
CA GLY J 58 13.72 -10.00 3.21
C GLY J 58 14.87 -9.01 3.11
N LYS J 59 16.07 -9.48 2.88
CA LYS J 59 17.20 -8.55 2.81
C LYS J 59 17.50 -7.97 1.41
N GLY J 60 16.44 -7.76 0.61
CA GLY J 60 16.59 -7.14 -0.71
C GLY J 60 16.25 -5.67 -0.54
N LEU J 61 15.70 -5.03 -1.57
CA LEU J 61 15.36 -3.61 -1.48
C LEU J 61 13.98 -3.45 -0.83
N VAL J 62 13.80 -2.34 -0.10
CA VAL J 62 12.56 -2.04 0.62
C VAL J 62 11.83 -0.86 -0.02
N THR J 65 6.02 -0.56 -1.10
CA THR J 65 5.26 -1.79 -1.35
C THR J 65 6.02 -2.93 -2.08
N HIS J 66 7.25 -3.20 -1.65
CA HIS J 66 8.07 -4.31 -2.19
C HIS J 66 9.28 -4.63 -1.29
N THR J 67 9.35 -5.87 -0.80
CA THR J 67 10.43 -6.31 0.10
C THR J 67 11.22 -7.54 -0.40
N GLY J 68 12.04 -7.33 -1.43
CA GLY J 68 12.85 -8.37 -2.04
C GLY J 68 13.87 -9.04 -1.13
N ASP J 69 14.64 -9.94 -1.72
CA ASP J 69 15.62 -10.69 -0.96
C ASP J 69 17.05 -10.72 -1.52
N LEU J 70 17.98 -11.11 -0.64
CA LEU J 70 19.40 -11.13 -0.96
C LEU J 70 19.79 -12.53 -1.34
N PHE J 71 20.46 -12.68 -2.48
CA PHE J 71 20.90 -13.98 -2.92
C PHE J 71 22.39 -14.01 -2.86
N ALA J 72 22.90 -14.98 -2.12
CA ALA J 72 24.34 -15.16 -1.99
C ALA J 72 24.60 -16.17 -3.09
N VAL J 73 25.59 -15.89 -3.94
CA VAL J 73 25.93 -16.76 -5.06
C VAL J 73 27.30 -17.31 -4.75
N ILE J 74 27.41 -18.62 -4.57
CA ILE J 74 28.69 -19.23 -4.20
C ILE J 74 29.78 -19.12 -5.26
N LYS J 75 30.96 -18.68 -4.87
CA LYS J 75 32.13 -18.60 -5.72
C LYS J 75 33.24 -19.30 -4.91
N ILE J 76 33.91 -20.30 -5.50
CA ILE J 76 34.96 -21.03 -4.77
C ILE J 76 36.31 -20.32 -4.84
N VAL J 77 36.88 -20.07 -3.66
CA VAL J 77 38.16 -19.41 -3.53
C VAL J 77 39.23 -20.37 -3.00
N MSE J 78 40.47 -20.12 -3.45
CA MSE J 78 41.62 -20.96 -3.11
C MSE J 78 42.64 -20.25 -2.21
O MSE J 78 42.77 -19.03 -2.27
CB MSE J 78 42.34 -21.34 -4.41
CG MSE J 78 41.46 -22.08 -5.35
SE MSE J 78 41.13 -23.87 -4.71
CE MSE J 78 42.89 -24.61 -5.08
N PRO J 79 43.40 -21.03 -1.40
CA PRO J 79 44.42 -20.48 -0.54
C PRO J 79 45.67 -20.26 -1.36
N THR J 80 46.75 -19.76 -0.76
CA THR J 80 47.99 -19.54 -1.52
C THR J 80 48.61 -20.87 -1.87
N LYS J 81 49.67 -20.82 -2.66
CA LYS J 81 50.38 -22.02 -3.11
C LYS J 81 50.62 -22.98 -1.92
N PRO J 82 50.29 -24.27 -2.09
CA PRO J 82 50.45 -25.19 -0.98
C PRO J 82 51.87 -25.76 -0.84
N ASP J 83 52.33 -25.89 0.41
CA ASP J 83 53.65 -26.47 0.69
C ASP J 83 53.53 -28.00 0.59
N GLU J 84 54.63 -28.73 0.80
CA GLU J 84 54.61 -30.19 0.69
C GLU J 84 53.50 -30.93 1.46
N LYS J 85 53.18 -30.48 2.68
CA LYS J 85 52.13 -31.11 3.49
C LYS J 85 50.76 -30.94 2.84
N ALA J 86 50.38 -29.69 2.58
CA ALA J 86 49.11 -29.39 1.93
C ALA J 86 48.99 -30.20 0.62
N ARG J 87 50.07 -30.18 -0.16
CA ARG J 87 50.19 -30.81 -1.47
C ARG J 87 50.07 -32.35 -1.37
N GLU J 88 50.31 -32.85 -0.17
CA GLU J 88 50.20 -34.25 0.14
C GLU J 88 48.70 -34.48 0.37
N LEU J 89 48.05 -33.56 1.08
CA LEU J 89 46.62 -33.66 1.36
C LEU J 89 45.75 -33.46 0.09
N TRP J 90 46.19 -32.62 -0.84
CA TRP J 90 45.43 -32.40 -2.09
C TRP J 90 45.53 -33.64 -2.98
N GLN J 91 46.67 -34.35 -2.88
CA GLN J 91 46.87 -35.57 -3.65
C GLN J 91 45.87 -36.59 -3.15
N GLN J 92 45.86 -36.81 -1.84
CA GLN J 92 44.97 -37.78 -1.22
C GLN J 92 43.53 -37.52 -1.57
N LEU J 93 43.11 -36.26 -1.46
CA LEU J 93 41.71 -35.90 -1.72
C LEU J 93 41.25 -36.20 -3.18
N ALA J 94 42.19 -36.09 -4.11
CA ALA J 94 41.93 -36.37 -5.53
C ALA J 94 41.89 -37.88 -5.81
N ALA J 95 42.09 -38.69 -4.77
CA ALA J 95 42.00 -40.14 -4.87
C ALA J 95 40.60 -40.48 -4.36
N ALA J 96 40.19 -39.78 -3.32
CA ALA J 96 38.86 -39.98 -2.77
C ALA J 96 37.88 -39.50 -3.84
N GLU J 97 38.36 -38.63 -4.73
CA GLU J 97 37.54 -38.09 -5.81
C GLU J 97 38.16 -38.34 -7.18
N ALA J 98 38.88 -39.45 -7.31
CA ALA J 98 39.49 -39.81 -8.59
C ALA J 98 38.41 -40.20 -9.60
N SER J 99 37.14 -40.01 -9.22
CA SER J 99 36.02 -40.35 -10.11
C SER J 99 35.03 -39.19 -10.32
N PHE J 100 35.56 -37.98 -10.40
CA PHE J 100 34.77 -36.79 -10.60
C PHE J 100 35.25 -36.11 -11.89
N ASP J 101 34.33 -35.61 -12.70
CA ASP J 101 34.70 -34.98 -13.95
C ASP J 101 34.27 -33.50 -13.95
N PRO J 102 35.20 -32.58 -13.64
CA PRO J 102 34.84 -31.17 -13.60
C PRO J 102 34.56 -30.57 -14.98
N ARG J 103 34.97 -31.28 -16.02
CA ARG J 103 34.79 -30.86 -17.39
C ARG J 103 34.14 -32.01 -18.14
N LYS J 104 32.97 -32.42 -17.65
CA LYS J 104 32.24 -33.54 -18.24
C LYS J 104 31.90 -33.15 -19.68
N THR J 105 31.27 -31.98 -19.79
CA THR J 105 30.88 -31.33 -21.04
C THR J 105 31.88 -31.57 -22.18
N TRP J 106 33.16 -31.63 -21.81
CA TRP J 106 34.31 -31.79 -22.72
C TRP J 106 34.64 -33.27 -22.89
N ALA K 3 -5.68 49.00 49.78
CA ALA K 3 -4.33 48.41 49.57
C ALA K 3 -4.15 47.85 48.16
N HIS K 4 -2.88 47.62 47.81
CA HIS K 4 -2.52 47.00 46.54
C HIS K 4 -1.27 46.16 46.78
N PRO K 5 -1.39 45.08 47.59
CA PRO K 5 -0.28 44.17 47.88
C PRO K 5 0.39 43.83 46.58
N LEU K 6 1.70 43.69 46.55
CA LEU K 6 2.35 43.43 45.29
C LEU K 6 2.52 41.98 44.90
N PHE K 7 2.55 41.06 45.87
CA PHE K 7 2.84 39.65 45.50
C PHE K 7 1.69 38.63 45.58
N ASP K 8 1.49 37.92 44.47
CA ASP K 8 0.51 36.86 44.42
C ASP K 8 1.28 35.64 44.87
N ILE K 9 0.68 34.85 45.74
CA ILE K 9 1.33 33.64 46.25
C ILE K 9 0.81 32.43 45.45
N VAL K 10 1.68 31.71 44.75
CA VAL K 10 1.24 30.53 44.00
C VAL K 10 2.11 29.38 44.45
N GLY K 11 1.66 28.69 45.50
CA GLY K 11 2.40 27.60 46.11
C GLY K 11 3.53 28.25 46.88
N HIS K 12 4.76 27.82 46.61
CA HIS K 12 5.94 28.41 47.25
C HIS K 12 6.45 29.60 46.42
N ASN K 13 5.87 29.79 45.24
CA ASN K 13 6.27 30.89 44.35
C ASN K 13 5.47 32.18 44.57
N LEU K 14 6.07 33.27 44.10
CA LEU K 14 5.47 34.59 44.13
C LEU K 14 5.43 35.10 42.73
N GLU K 15 4.36 35.82 42.39
CA GLU K 15 4.26 36.44 41.08
C GLU K 15 3.96 37.91 41.28
N ILE K 16 4.55 38.75 40.43
CA ILE K 16 4.32 40.19 40.45
C ILE K 16 4.11 40.66 39.00
N VAL K 17 3.13 41.55 38.83
CA VAL K 17 2.84 42.15 37.51
C VAL K 17 4.00 43.12 37.26
N LEU K 18 4.66 43.00 36.12
CA LEU K 18 5.77 43.87 35.77
C LEU K 18 5.29 44.82 34.67
N PRO K 19 4.87 46.03 35.02
CA PRO K 19 4.44 46.87 33.92
C PRO K 19 5.63 47.40 33.13
N LEU K 20 5.53 47.37 31.81
CA LEU K 20 6.58 47.83 30.96
C LEU K 20 6.06 48.71 29.85
N ALA K 21 6.82 49.73 29.48
CA ALA K 21 6.41 50.58 28.37
C ALA K 21 6.69 49.73 27.15
N PRO K 22 5.98 49.95 26.05
CA PRO K 22 6.21 49.13 24.86
C PRO K 22 7.66 49.18 24.38
N TRP K 23 8.28 50.34 24.44
CA TRP K 23 9.69 50.45 24.06
C TRP K 23 10.59 49.59 24.96
N GLU K 24 10.25 49.48 26.24
CA GLU K 24 11.05 48.64 27.13
C GLU K 24 10.94 47.17 26.72
N ALA K 25 9.76 46.74 26.32
CA ALA K 25 9.54 45.35 25.90
C ALA K 25 10.25 45.06 24.58
N ALA K 26 10.12 46.00 23.65
CA ALA K 26 10.74 45.87 22.33
C ALA K 26 12.27 45.95 22.40
N LEU K 27 12.81 47.00 23.01
CA LEU K 27 14.25 47.16 23.12
C LEU K 27 14.94 46.27 24.16
N GLY K 28 14.21 45.91 25.22
CA GLY K 28 14.79 45.16 26.30
C GLY K 28 15.25 46.21 27.30
N ALA K 29 15.36 45.89 28.58
CA ALA K 29 15.80 46.90 29.59
C ALA K 29 16.20 46.29 30.91
N LYS K 30 16.87 47.07 31.77
CA LYS K 30 17.20 46.61 33.11
C LYS K 30 16.24 47.35 34.04
N VAL K 31 15.36 46.59 34.69
CA VAL K 31 14.36 47.15 35.56
C VAL K 31 14.54 46.74 37.02
N THR K 32 14.39 47.69 37.93
CA THR K 32 14.49 47.40 39.35
C THR K 32 13.18 46.82 39.84
N VAL K 33 13.23 45.59 40.39
CA VAL K 33 12.02 44.90 40.86
C VAL K 33 12.04 44.65 42.35
N PRO K 34 10.93 44.98 43.03
CA PRO K 34 10.87 44.75 44.47
C PRO K 34 10.71 43.29 44.80
N THR K 35 11.13 42.91 45.99
CA THR K 35 10.99 41.56 46.51
C THR K 35 10.60 41.74 47.98
N LEU K 36 10.52 40.63 48.74
CA LEU K 36 10.17 40.70 50.15
C LEU K 36 11.33 41.30 50.94
N LYS K 37 12.53 41.16 50.39
CA LYS K 37 13.70 41.68 51.02
C LYS K 37 14.18 42.83 50.15
N GLU K 38 15.42 42.68 49.69
CA GLU K 38 16.13 43.60 48.84
C GLU K 38 15.61 43.62 47.41
N SER K 39 15.57 44.79 46.81
CA SER K 39 15.17 44.94 45.44
C SER K 39 16.26 44.38 44.52
N ILE K 40 15.88 43.92 43.33
CA ILE K 40 16.85 43.36 42.40
C ILE K 40 16.72 43.90 40.98
N LEU K 41 17.79 43.75 40.18
CA LEU K 41 17.81 44.17 38.77
C LEU K 41 17.50 43.01 37.83
N LEU K 42 16.44 43.16 37.05
CA LEU K 42 16.00 42.14 36.10
C LEU K 42 16.23 42.64 34.69
N THR K 43 16.87 41.85 33.85
CA THR K 43 17.07 42.31 32.51
C THR K 43 15.93 41.71 31.70
N VAL K 44 15.20 42.56 30.96
CA VAL K 44 14.10 42.16 30.11
C VAL K 44 14.71 42.03 28.73
N PRO K 45 14.74 40.80 28.18
CA PRO K 45 15.38 40.71 26.86
C PRO K 45 14.62 41.51 25.82
N PRO K 46 15.26 41.77 24.68
CA PRO K 46 14.56 42.48 23.61
C PRO K 46 13.46 41.61 23.02
N GLY K 47 12.41 42.22 22.46
CA GLY K 47 11.30 41.45 21.87
C GLY K 47 10.40 40.77 22.90
N SER K 48 10.39 41.26 24.14
CA SER K 48 9.55 40.66 25.17
C SER K 48 8.04 40.76 24.86
N GLN K 49 7.26 39.83 25.42
CA GLN K 49 5.84 39.70 25.13
C GLN K 49 4.86 39.94 26.28
N ALA K 50 3.62 40.26 25.91
CA ALA K 50 2.58 40.41 26.89
C ALA K 50 2.45 39.05 27.53
N GLY K 51 2.46 39.04 28.86
CA GLY K 51 2.30 37.83 29.64
C GLY K 51 3.53 36.97 29.82
N GLN K 52 4.65 37.39 29.27
CA GLN K 52 5.86 36.60 29.42
C GLN K 52 6.28 36.58 30.89
N ARG K 53 6.65 35.39 31.38
CA ARG K 53 7.10 35.19 32.75
C ARG K 53 8.62 35.21 32.83
N LEU K 54 9.18 36.15 33.58
CA LEU K 54 10.64 36.25 33.80
C LEU K 54 10.89 35.71 35.19
N ARG K 55 11.79 34.76 35.28
CA ARG K 55 12.08 34.06 36.51
C ARG K 55 13.26 34.61 37.32
N ILE K 56 12.98 35.02 38.55
CA ILE K 56 14.00 35.53 39.48
C ILE K 56 14.20 34.41 40.53
N LYS K 57 15.23 33.60 40.36
CA LYS K 57 15.46 32.45 41.25
C LYS K 57 15.70 32.76 42.76
N GLY K 58 15.12 31.92 43.63
CA GLY K 58 15.27 32.06 45.08
C GLY K 58 14.67 33.29 45.73
N LYS K 59 13.81 34.01 45.00
CA LYS K 59 13.20 35.22 45.53
C LYS K 59 11.74 35.05 45.89
N GLY K 60 11.34 33.77 45.98
CA GLY K 60 9.99 33.40 46.38
C GLY K 60 10.00 33.20 47.90
N LEU K 61 9.06 32.43 48.42
CA LEU K 61 8.91 32.19 49.87
C LEU K 61 9.75 31.05 50.39
N VAL K 62 10.20 31.19 51.64
CA VAL K 62 10.97 30.15 52.31
C VAL K 62 9.98 29.22 53.00
N SER K 63 9.94 27.97 52.58
CA SER K 63 9.05 26.99 53.20
C SER K 63 9.92 26.05 53.98
N LYS K 64 9.34 24.94 54.42
CA LYS K 64 10.08 23.90 55.14
C LYS K 64 10.87 23.14 54.10
N THR K 65 10.54 23.41 52.84
CA THR K 65 11.14 22.80 51.67
C THR K 65 11.83 23.90 50.83
N HIS K 66 12.37 23.53 49.66
CA HIS K 66 13.05 24.49 48.76
C HIS K 66 12.43 25.89 48.74
N THR K 67 13.30 26.91 48.75
CA THR K 67 12.82 28.28 48.69
C THR K 67 12.31 28.50 47.27
N GLY K 68 11.15 29.15 47.14
CA GLY K 68 10.56 29.38 45.84
C GLY K 68 11.23 30.44 45.00
N ASP K 69 10.62 30.68 43.85
CA ASP K 69 11.06 31.68 42.90
C ASP K 69 10.03 32.80 42.77
N LEU K 70 10.50 33.97 42.34
CA LEU K 70 9.64 35.12 42.07
C LEU K 70 9.55 35.23 40.55
N PHE K 71 8.35 35.36 40.03
CA PHE K 71 8.13 35.52 38.60
C PHE K 71 7.57 36.93 38.30
N ALA K 72 8.23 37.67 37.40
CA ALA K 72 7.75 39.01 37.01
C ALA K 72 6.99 38.76 35.73
N VAL K 73 5.68 38.99 35.73
CA VAL K 73 4.83 38.74 34.57
C VAL K 73 4.61 40.04 33.84
N ILE K 74 5.10 40.12 32.61
CA ILE K 74 5.03 41.34 31.83
C ILE K 74 3.61 41.73 31.45
N LYS K 75 3.31 42.99 31.65
CA LYS K 75 2.06 43.58 31.25
C LYS K 75 2.48 44.87 30.54
N ILE K 76 1.98 45.10 29.33
CA ILE K 76 2.35 46.31 28.58
C ILE K 76 1.41 47.50 28.87
N VAL K 77 1.97 48.63 29.27
CA VAL K 77 1.17 49.83 29.62
C VAL K 77 1.52 51.00 28.72
N MSE K 78 0.53 51.87 28.53
CA MSE K 78 0.64 52.95 27.60
C MSE K 78 0.63 54.33 28.18
O MSE K 78 -0.03 54.60 29.17
CB MSE K 78 -0.54 52.93 26.66
CG MSE K 78 -0.68 51.69 25.85
SE MSE K 78 0.68 51.44 24.49
CE MSE K 78 0.42 53.05 23.42
N PRO K 79 1.34 55.22 27.52
CA PRO K 79 1.26 56.61 27.90
C PRO K 79 -0.11 57.15 27.48
N THR K 80 -0.32 58.41 27.83
CA THR K 80 -1.49 59.16 27.49
C THR K 80 -1.47 59.47 25.99
N LYS K 81 -2.55 60.05 25.46
CA LYS K 81 -2.63 60.39 24.06
C LYS K 81 -1.38 61.17 23.61
N PRO K 82 -0.65 60.67 22.59
CA PRO K 82 0.57 61.30 22.13
C PRO K 82 0.48 62.71 21.52
N ASP K 83 1.55 63.50 21.67
CA ASP K 83 1.63 64.84 21.06
C ASP K 83 1.99 64.65 19.56
N GLU K 84 2.06 65.74 18.79
CA GLU K 84 2.25 65.65 17.32
C GLU K 84 3.48 64.85 16.90
N LYS K 85 4.59 65.06 17.61
CA LYS K 85 5.82 64.34 17.30
C LYS K 85 5.72 62.86 17.64
N ALA K 86 5.24 62.53 18.83
CA ALA K 86 5.11 61.11 19.20
C ALA K 86 4.21 60.35 18.21
N ARG K 87 3.18 61.03 17.76
CA ARG K 87 2.22 60.47 16.84
C ARG K 87 2.89 60.14 15.50
N GLU K 88 3.70 61.04 14.96
CA GLU K 88 4.40 60.74 13.71
C GLU K 88 5.34 59.55 13.93
N LEU K 89 5.94 59.43 15.11
CA LEU K 89 6.78 58.28 15.42
C LEU K 89 5.99 56.97 15.45
N TRP K 90 4.83 56.98 16.09
CA TRP K 90 4.03 55.77 16.13
C TRP K 90 3.65 55.35 14.72
N GLN K 91 3.34 56.32 13.87
CA GLN K 91 2.97 56.03 12.47
C GLN K 91 4.12 55.36 11.73
N GLN K 92 5.32 55.91 11.87
CA GLN K 92 6.49 55.32 11.21
C GLN K 92 6.77 53.94 11.74
N LEU K 93 6.48 53.75 13.03
CA LEU K 93 6.69 52.49 13.73
C LEU K 93 5.65 51.46 13.27
N ALA K 94 4.41 51.91 13.14
CA ALA K 94 3.38 51.02 12.68
C ALA K 94 3.73 50.63 11.23
N ALA K 95 4.28 51.55 10.43
CA ALA K 95 4.68 51.21 9.03
C ALA K 95 5.84 50.21 9.01
N ALA K 96 6.73 50.28 9.98
CA ALA K 96 7.87 49.36 10.02
C ALA K 96 7.42 47.97 10.51
N GLU K 97 6.37 47.93 11.33
CA GLU K 97 5.86 46.66 11.85
C GLU K 97 4.52 46.28 11.20
N ALA K 98 4.32 46.75 9.99
CA ALA K 98 3.14 46.49 9.16
C ALA K 98 2.61 45.05 9.11
N SER K 99 3.49 44.06 9.24
CA SER K 99 3.10 42.65 9.19
C SER K 99 2.67 42.11 10.56
N PHE K 100 2.63 42.95 11.58
CA PHE K 100 2.23 42.42 12.88
C PHE K 100 0.72 42.37 12.92
N ASP K 101 0.17 41.17 13.06
CA ASP K 101 -1.26 41.01 13.12
C ASP K 101 -1.64 40.41 14.46
N PRO K 102 -1.84 41.29 15.46
CA PRO K 102 -2.16 40.85 16.80
C PRO K 102 -3.49 40.12 16.98
N ARG K 103 -4.25 39.91 15.90
CA ARG K 103 -5.56 39.28 15.97
C ARG K 103 -5.79 38.18 14.92
N LYS K 104 -4.92 37.15 14.94
CA LYS K 104 -4.99 35.98 14.04
C LYS K 104 -6.11 35.04 14.51
N THR K 105 -6.14 34.83 15.82
CA THR K 105 -7.18 34.03 16.45
C THR K 105 -8.57 34.32 15.86
N TRP K 106 -8.86 35.59 15.51
CA TRP K 106 -10.16 35.92 14.87
C TRP K 106 -10.00 36.10 13.34
N PRO L 5 -14.19 29.61 24.19
CA PRO L 5 -15.19 30.66 24.31
C PRO L 5 -14.53 32.02 24.33
N LEU L 6 -15.14 32.98 23.65
CA LEU L 6 -14.60 34.30 23.59
C LEU L 6 -15.16 35.23 24.65
N PHE L 7 -16.37 34.97 25.14
CA PHE L 7 -16.98 35.92 26.04
C PHE L 7 -17.12 35.50 27.48
N ASP L 8 -16.80 36.43 28.37
CA ASP L 8 -17.10 36.27 29.78
C ASP L 8 -18.47 36.87 29.94
N ILE L 9 -19.32 36.24 30.74
CA ILE L 9 -20.68 36.70 30.94
C ILE L 9 -20.76 37.32 32.34
N VAL L 10 -21.01 38.63 32.40
CA VAL L 10 -21.10 39.35 33.69
C VAL L 10 -22.45 40.04 33.68
N GLY L 11 -23.44 39.44 34.33
CA GLY L 11 -24.81 39.96 34.32
C GLY L 11 -25.40 39.78 32.92
N HIS L 12 -25.90 40.87 32.32
CA HIS L 12 -26.44 40.82 30.96
C HIS L 12 -25.36 41.24 29.95
N ASN L 13 -24.21 41.66 30.46
CA ASN L 13 -23.12 42.10 29.61
C ASN L 13 -22.14 40.99 29.31
N LEU L 14 -21.44 41.14 28.20
CA LEU L 14 -20.43 40.20 27.74
C LEU L 14 -19.16 40.99 27.72
N GLU L 15 -18.05 40.29 27.84
CA GLU L 15 -16.75 40.96 27.91
C GLU L 15 -15.73 40.14 27.09
N ILE L 16 -14.97 40.81 26.22
CA ILE L 16 -13.94 40.15 25.42
C ILE L 16 -12.61 40.89 25.45
N VAL L 17 -11.51 40.14 25.52
CA VAL L 17 -10.14 40.69 25.52
C VAL L 17 -9.83 41.13 24.11
N LEU L 18 -9.48 42.40 23.95
CA LEU L 18 -9.12 42.98 22.66
C LEU L 18 -7.59 43.17 22.52
N PRO L 19 -6.91 42.26 21.79
CA PRO L 19 -5.49 42.48 21.59
C PRO L 19 -5.26 43.68 20.66
N LEU L 20 -4.36 44.57 21.05
CA LEU L 20 -4.03 45.72 20.19
C LEU L 20 -2.51 45.96 20.19
N ALA L 21 -2.00 46.36 19.03
CA ALA L 21 -0.60 46.73 18.90
C ALA L 21 -0.50 48.08 19.58
N PRO L 22 0.68 48.43 20.11
CA PRO L 22 0.67 49.70 20.83
C PRO L 22 0.31 50.88 19.95
N TRP L 23 0.76 50.83 18.69
CA TRP L 23 0.44 51.92 17.76
C TRP L 23 -1.07 52.08 17.59
N GLU L 24 -1.79 50.98 17.58
CA GLU L 24 -3.24 51.05 17.49
C GLU L 24 -3.86 51.78 18.71
N ALA L 25 -3.37 51.48 19.91
CA ALA L 25 -3.90 52.12 21.10
C ALA L 25 -3.52 53.60 21.12
N ALA L 26 -2.30 53.88 20.68
CA ALA L 26 -1.83 55.24 20.67
C ALA L 26 -2.53 56.09 19.63
N LEU L 27 -2.52 55.64 18.40
CA LEU L 27 -3.12 56.40 17.28
C LEU L 27 -4.64 56.23 17.15
N GLY L 28 -5.17 55.19 17.76
CA GLY L 28 -6.59 54.94 17.65
C GLY L 28 -6.60 54.11 16.40
N ALA L 29 -7.63 53.28 16.22
CA ALA L 29 -7.77 52.43 15.02
C ALA L 29 -9.21 51.91 14.96
N LYS L 30 -9.59 51.33 13.82
CA LYS L 30 -10.91 50.69 13.62
C LYS L 30 -10.64 49.21 13.58
N VAL L 31 -11.22 48.46 14.49
CA VAL L 31 -10.94 47.05 14.59
C VAL L 31 -12.24 46.25 14.55
N THR L 32 -12.16 45.05 13.97
CA THR L 32 -13.28 44.14 13.83
C THR L 32 -13.38 43.35 15.11
N VAL L 33 -14.56 43.36 15.75
CA VAL L 33 -14.77 42.63 17.01
C VAL L 33 -15.93 41.63 16.93
N PRO L 34 -15.67 40.36 17.26
CA PRO L 34 -16.73 39.34 17.27
C PRO L 34 -17.81 39.63 18.31
N THR L 35 -19.00 39.06 18.11
CA THR L 35 -20.16 39.22 19.00
C THR L 35 -20.88 37.86 18.95
N LEU L 36 -22.05 37.73 19.56
CA LEU L 36 -22.75 36.44 19.47
C LEU L 36 -23.28 36.18 18.02
N LYS L 37 -23.39 37.25 17.23
CA LYS L 37 -23.83 37.12 15.85
C LYS L 37 -22.76 37.59 14.88
N GLU L 38 -23.01 38.65 14.13
CA GLU L 38 -22.01 39.13 13.17
C GLU L 38 -21.02 40.01 13.93
N SER L 39 -19.81 40.11 13.42
CA SER L 39 -18.79 40.95 14.03
C SER L 39 -19.18 42.40 13.85
N ILE L 40 -18.44 43.32 14.49
CA ILE L 40 -18.75 44.75 14.35
C ILE L 40 -17.48 45.52 14.31
N LEU L 41 -17.54 46.72 13.72
CA LEU L 41 -16.39 47.57 13.59
C LEU L 41 -16.41 48.48 14.82
N LEU L 42 -15.29 48.52 15.54
CA LEU L 42 -15.15 49.34 16.73
C LEU L 42 -14.07 50.38 16.55
N THR L 43 -14.40 51.63 16.86
CA THR L 43 -13.42 52.71 16.77
C THR L 43 -12.76 52.90 18.14
N VAL L 44 -11.52 52.43 18.21
CA VAL L 44 -10.66 52.55 19.36
C VAL L 44 -10.15 54.00 19.44
N PRO L 45 -10.55 54.75 20.47
CA PRO L 45 -10.08 56.10 20.61
C PRO L 45 -8.57 56.16 20.68
N PRO L 46 -7.98 57.28 20.21
CA PRO L 46 -6.54 57.40 20.31
C PRO L 46 -6.16 57.68 21.77
N GLY L 47 -5.01 57.21 22.19
CA GLY L 47 -4.54 57.39 23.57
C GLY L 47 -5.17 56.37 24.53
N SER L 48 -5.62 55.23 24.02
CA SER L 48 -6.28 54.22 24.83
C SER L 48 -5.32 53.46 25.75
N GLN L 49 -5.78 53.17 26.95
CA GLN L 49 -4.96 52.50 27.95
C GLN L 49 -5.18 50.99 27.98
N ALA L 50 -4.18 50.31 28.53
CA ALA L 50 -4.22 48.87 28.78
C ALA L 50 -5.32 48.67 29.80
N GLY L 51 -6.15 47.63 29.62
CA GLY L 51 -7.25 47.36 30.53
C GLY L 51 -8.50 48.23 30.36
N GLN L 52 -8.41 49.22 29.48
N GLN L 52 -8.42 49.19 29.44
CA GLN L 52 -9.53 50.12 29.29
CA GLN L 52 -9.54 50.07 29.21
C GLN L 52 -10.70 49.37 28.63
C GLN L 52 -10.71 49.27 28.67
N ARG L 53 -11.89 49.60 29.17
CA ARG L 53 -13.15 48.96 28.73
C ARG L 53 -13.84 49.73 27.61
N LEU L 54 -13.87 49.22 26.39
CA LEU L 54 -14.52 49.96 25.30
C LEU L 54 -15.91 49.37 25.20
N ARG L 55 -16.90 50.21 25.43
CA ARG L 55 -18.29 49.78 25.45
C ARG L 55 -18.98 49.80 24.10
N ILE L 56 -19.34 48.62 23.62
CA ILE L 56 -20.04 48.46 22.37
C ILE L 56 -21.51 48.27 22.76
N LYS L 57 -22.24 49.38 22.70
CA LYS L 57 -23.65 49.48 23.09
C LYS L 57 -24.54 48.42 22.44
N GLY L 58 -25.40 47.77 23.25
CA GLY L 58 -26.36 46.78 22.76
C GLY L 58 -25.90 45.44 22.18
N LYS L 59 -24.64 45.09 22.33
CA LYS L 59 -24.12 43.82 21.82
C LYS L 59 -23.93 42.77 22.91
N GLY L 60 -24.53 42.96 24.08
CA GLY L 60 -24.44 41.99 25.16
C GLY L 60 -25.61 41.03 25.06
N LEU L 61 -26.01 40.40 26.16
CA LEU L 61 -27.12 39.42 26.13
C LEU L 61 -28.50 40.06 26.16
N VAL L 62 -29.50 39.28 25.74
CA VAL L 62 -30.90 39.74 25.74
C VAL L 62 -31.44 39.88 27.17
N THR L 67 -31.61 44.76 27.76
CA THR L 67 -30.52 43.97 27.18
C THR L 67 -29.14 44.68 27.31
N GLY L 68 -28.09 43.86 27.43
CA GLY L 68 -26.73 44.34 27.69
C GLY L 68 -25.82 44.84 26.61
N ASP L 69 -24.60 45.11 27.04
CA ASP L 69 -23.56 45.61 26.18
C ASP L 69 -22.42 44.63 26.16
N LEU L 70 -21.53 44.85 25.21
CA LEU L 70 -20.33 44.06 25.05
C LEU L 70 -19.17 44.99 25.36
N PHE L 71 -18.25 44.56 26.20
CA PHE L 71 -17.09 45.40 26.54
C PHE L 71 -15.86 44.74 25.93
N ALA L 72 -15.09 45.53 25.17
CA ALA L 72 -13.85 45.10 24.54
C ALA L 72 -12.78 45.66 25.47
N VAL L 73 -12.12 44.77 26.20
CA VAL L 73 -11.12 45.17 27.21
C VAL L 73 -9.74 45.08 26.62
N ILE L 74 -9.09 46.23 26.52
CA ILE L 74 -7.80 46.33 25.85
C ILE L 74 -6.66 45.64 26.52
N LYS L 75 -5.90 44.92 25.70
CA LYS L 75 -4.70 44.23 26.12
C LYS L 75 -3.67 44.54 25.02
N ILE L 76 -2.53 45.10 25.42
CA ILE L 76 -1.51 45.45 24.47
C ILE L 76 -0.55 44.29 24.27
N VAL L 77 -0.38 43.91 23.00
CA VAL L 77 0.47 42.80 22.58
C VAL L 77 1.59 43.34 21.67
N MSE L 78 2.71 42.62 21.60
CA MSE L 78 3.92 43.08 20.89
C MSE L 78 4.38 42.15 19.82
O MSE L 78 4.27 40.95 19.95
CB MSE L 78 5.07 43.14 21.87
CG MSE L 78 4.84 43.96 23.07
SE MSE L 78 4.82 45.89 22.72
CE MSE L 78 6.76 46.06 22.35
N PRO L 79 5.00 42.71 18.80
CA PRO L 79 5.52 41.90 17.72
C PRO L 79 6.82 41.27 18.17
N THR L 80 7.48 40.57 17.25
CA THR L 80 8.79 39.96 17.52
C THR L 80 9.79 41.07 17.71
N LYS L 81 10.99 40.75 18.18
CA LYS L 81 12.04 41.75 18.38
C LYS L 81 12.25 42.59 17.12
N PRO L 82 12.54 43.86 17.31
CA PRO L 82 12.66 44.76 16.18
C PRO L 82 13.96 44.70 15.43
N ASP L 83 13.93 45.12 14.17
CA ASP L 83 15.12 45.22 13.33
C ASP L 83 15.74 46.59 13.62
N GLU L 84 16.87 46.90 13.01
CA GLU L 84 17.51 48.18 13.29
C GLU L 84 16.53 49.33 13.09
N LYS L 85 15.82 49.28 11.97
CA LYS L 85 14.89 50.33 11.58
C LYS L 85 13.95 50.64 12.74
N ALA L 86 13.27 49.60 13.19
CA ALA L 86 12.29 49.66 14.26
C ALA L 86 12.94 50.06 15.57
N ARG L 87 14.11 49.47 15.83
CA ARG L 87 14.84 49.72 17.07
C ARG L 87 15.20 51.20 17.23
N GLU L 88 15.52 51.83 16.12
CA GLU L 88 15.88 53.22 16.04
C GLU L 88 14.63 54.08 16.31
N LEU L 89 13.48 53.63 15.84
CA LEU L 89 12.23 54.36 16.10
C LEU L 89 11.80 54.20 17.56
N TRP L 90 11.98 53.02 18.09
CA TRP L 90 11.64 52.79 19.47
C TRP L 90 12.43 53.72 20.40
N GLN L 91 13.71 53.90 20.09
CA GLN L 91 14.54 54.76 20.91
C GLN L 91 14.03 56.19 20.87
N GLN L 92 13.61 56.64 19.69
CA GLN L 92 13.12 58.00 19.59
C GLN L 92 11.89 58.13 20.42
N LEU L 93 10.95 57.18 20.29
CA LEU L 93 9.72 57.20 21.08
C LEU L 93 10.02 57.26 22.56
N ALA L 94 10.95 56.41 23.00
CA ALA L 94 11.31 56.39 24.40
C ALA L 94 11.78 57.77 24.84
N ALA L 95 12.46 58.47 23.94
CA ALA L 95 12.98 59.78 24.26
C ALA L 95 11.86 60.82 24.21
N ALA L 96 10.98 60.71 23.22
CA ALA L 96 9.87 61.64 23.13
C ALA L 96 8.94 61.42 24.32
N GLU L 97 8.96 60.24 24.90
CA GLU L 97 8.05 59.99 25.99
C GLU L 97 8.78 59.56 27.27
N ALA L 98 9.96 60.17 27.44
CA ALA L 98 10.83 59.95 28.58
C ALA L 98 10.14 60.24 29.90
N SER L 99 9.09 61.06 29.83
CA SER L 99 8.26 61.48 30.94
C SER L 99 7.36 60.38 31.50
N PHE L 100 7.08 59.35 30.71
CA PHE L 100 6.21 58.30 31.16
C PHE L 100 6.82 57.34 32.17
N ASP L 101 6.15 57.13 33.29
CA ASP L 101 6.66 56.22 34.29
C ASP L 101 5.74 55.01 34.41
N PRO L 102 6.00 53.98 33.60
CA PRO L 102 5.13 52.84 33.68
C PRO L 102 5.04 52.22 35.05
N ARG L 103 6.03 52.41 35.91
CA ARG L 103 6.01 51.80 37.23
C ARG L 103 5.83 52.79 38.38
N LYS L 104 4.97 53.78 38.20
CA LYS L 104 4.69 54.79 39.25
C LYS L 104 4.13 54.13 40.53
N THR L 105 3.25 53.13 40.35
CA THR L 105 2.67 52.40 41.47
C THR L 105 3.75 51.75 42.36
N TRP L 106 4.93 51.49 41.77
CA TRP L 106 6.05 50.94 42.55
C TRP L 106 7.42 51.14 41.93
#